data_4MRO
#
_entry.id   4MRO
#
_cell.length_a   149.129
_cell.length_b   149.129
_cell.length_c   132.383
_cell.angle_alpha   90.00
_cell.angle_beta   90.00
_cell.angle_gamma   120.00
#
_symmetry.space_group_name_H-M   'P 65'
#
loop_
_entity.id
_entity.type
_entity.pdbx_description
1 polymer 'Glucokinase regulatory protein'
2 non-polymer 2-(4-{4-[(6-aminopyridin-3-yl)sulfonyl]piperazin-1-yl}phenyl)-1,1,1,3,3,3-hexafluoropropan-2-ol
3 non-polymer D-SORBITOL-6-PHOSPHATE
4 non-polymer 'IODIDE ION'
5 non-polymer GLYCEROL
6 non-polymer 'SULFATE ION'
7 water water
#
_entity_poly.entity_id   1
_entity_poly.type   'polypeptide(L)'
_entity_poly.pdbx_seq_one_letter_code
;MHHHHHHDEVDMPGTKRFQHVIETPEPGKWELSGYEAAVPITEKSNPLTQDLDKADAENIVRLLGQCDAEIFQEEGQALS
TYQRLYSESILTTMVQVAGKVQEVLKEPDGGLVVLSGGGTSGRMAFLMSVSFNQLMKGLGQKPLYTYLIAGGDRSVVASR
EGTEDSALHGIEELKKVAAGKKRVIVIGISVGLSAPFVAGQMDCCMNNTAVFLPVLVGFNPVSMARNDPIEDWSSTFRQV
AERMQKMQEKQKAFVLNPAIGPEGLSGSSRMKGGSATKILLETLLLAAHKTVDQGIAASQRCLLEILRTFERAHQVTYSQ
SPKIATLMKSVSTSLEKKGHVYLVGWQTLGIIAIMDGVECIHTFGADFRDVRGFLIGDHSDMFNQKAELTNQGPQFTFSQ
EDFLTSILPSLTEIDTVVFIFTLDDNLTEVQTIVEQVKEKTNHIQALAHSTVGQTLPIPLKKLFPSIISITWPLLFFEYE
GNFIQKFQRELSTKWVLNTVSTGAHVLLGKILQNHMLDLRISNSKLFWRALAMLQRFSGQSKARCIESLLRAIHFPQPLS
DDIRAAPISCHVQVAHEKEQVIPIALLSLLFRCSITEAQAHLAAAPSVCEAVRSALAGPGQKRTADPLEILEPDVQ
;
_entity_poly.pdbx_strand_id   A,B
#
loop_
_chem_comp.id
_chem_comp.type
_chem_comp.name
_chem_comp.formula
GOL non-polymer GLYCEROL 'C3 H8 O3'
IOD non-polymer 'IODIDE ION' 'I -1'
MG0 non-polymer 2-(4-{4-[(6-aminopyridin-3-yl)sulfonyl]piperazin-1-yl}phenyl)-1,1,1,3,3,3-hexafluoropropan-2-ol 'C18 H18 F6 N4 O3 S'
S6P D-saccharide D-SORBITOL-6-PHOSPHATE 'C6 H15 O9 P'
SO4 non-polymer 'SULFATE ION' 'O4 S -2'
#
# COMPACT_ATOMS: atom_id res chain seq x y z
N MET A 12 16.66 13.40 8.03
CA MET A 12 16.95 14.78 7.53
C MET A 12 16.21 14.99 6.23
N PRO A 13 16.29 16.20 5.64
CA PRO A 13 15.86 16.46 4.24
C PRO A 13 16.32 15.39 3.20
N GLY A 14 15.37 14.65 2.65
CA GLY A 14 15.70 13.52 1.80
C GLY A 14 15.96 12.18 2.47
N THR A 15 15.87 12.05 3.80
CA THR A 15 16.15 10.73 4.31
C THR A 15 15.16 9.68 3.78
N LYS A 16 13.86 9.91 3.87
CA LYS A 16 12.86 8.89 3.43
C LYS A 16 12.82 8.66 1.89
N ARG A 17 13.16 9.67 1.10
CA ARG A 17 13.29 9.49 -0.36
C ARG A 17 14.35 8.43 -0.66
N PHE A 18 15.41 8.34 0.15
CA PHE A 18 16.60 7.56 -0.17
C PHE A 18 16.83 6.42 0.79
N GLN A 19 15.79 6.07 1.52
CA GLN A 19 15.86 5.13 2.66
C GLN A 19 16.05 3.72 2.18
N HIS A 20 15.32 3.33 1.17
CA HIS A 20 15.55 2.03 0.55
C HIS A 20 17.01 1.82 0.03
N VAL A 21 17.79 2.88 -0.12
CA VAL A 21 19.08 2.69 -0.74
C VAL A 21 20.03 2.10 0.29
N ILE A 22 20.57 0.94 0.02
CA ILE A 22 21.60 0.33 0.87
C ILE A 22 22.94 1.10 0.79
N GLU A 23 23.67 1.19 1.91
CA GLU A 23 24.95 1.89 1.92
C GLU A 23 25.90 1.14 1.03
N THR A 24 26.83 1.88 0.48
CA THR A 24 27.87 1.27 -0.29
C THR A 24 28.79 0.41 0.59
N PRO A 25 29.02 -0.82 0.19
CA PRO A 25 29.96 -1.58 1.01
C PRO A 25 31.44 -1.14 0.85
N GLU A 26 32.24 -1.52 1.83
CA GLU A 26 33.69 -1.24 1.84
C GLU A 26 34.39 -2.02 0.74
N PRO A 27 35.59 -1.57 0.35
CA PRO A 27 36.28 -2.39 -0.64
C PRO A 27 36.34 -3.83 -0.16
N GLY A 28 35.93 -4.78 -1.00
CA GLY A 28 36.04 -6.23 -0.72
C GLY A 28 34.89 -6.89 0.02
N LYS A 29 33.97 -6.13 0.59
CA LYS A 29 32.85 -6.77 1.33
C LYS A 29 31.45 -6.69 0.65
N TRP A 30 31.40 -6.46 -0.66
CA TRP A 30 30.12 -6.33 -1.38
C TRP A 30 29.10 -7.47 -1.08
N GLU A 31 29.61 -8.71 -1.12
CA GLU A 31 28.98 -9.95 -0.58
C GLU A 31 28.58 -9.95 0.92
N LEU A 32 29.57 -9.68 1.78
CA LEU A 32 29.48 -9.78 3.27
C LEU A 32 28.54 -8.76 3.95
N SER A 33 28.64 -7.50 3.56
CA SER A 33 27.59 -6.51 3.81
C SER A 33 26.20 -7.03 3.39
N GLY A 34 26.12 -7.84 2.33
CA GLY A 34 24.84 -8.31 1.78
C GLY A 34 24.15 -7.27 0.89
N TYR A 35 24.88 -6.27 0.42
CA TYR A 35 24.32 -5.33 -0.54
C TYR A 35 23.98 -6.12 -1.80
N GLU A 36 24.83 -7.11 -2.15
CA GLU A 36 24.68 -7.81 -3.43
C GLU A 36 23.54 -8.79 -3.40
N ALA A 37 23.28 -9.38 -2.24
CA ALA A 37 22.10 -10.19 -2.06
C ALA A 37 20.78 -9.43 -2.35
N ALA A 38 20.70 -8.15 -2.01
CA ALA A 38 19.52 -7.35 -2.33
C ALA A 38 19.47 -6.77 -3.74
N VAL A 39 20.46 -7.01 -4.60
CA VAL A 39 20.31 -6.52 -5.98
C VAL A 39 19.42 -7.50 -6.70
N PRO A 40 18.27 -7.02 -7.18
CA PRO A 40 17.36 -7.92 -7.92
C PRO A 40 18.09 -8.63 -9.03
N ILE A 41 17.70 -9.88 -9.30
CA ILE A 41 18.35 -10.67 -10.42
C ILE A 41 18.38 -9.80 -11.67
N THR A 42 17.32 -9.03 -11.97
CA THR A 42 17.20 -8.37 -13.25
C THR A 42 18.18 -7.22 -13.41
N GLU A 43 18.70 -6.70 -12.30
CA GLU A 43 19.65 -5.58 -12.35
C GLU A 43 21.07 -6.01 -12.20
N LYS A 44 21.27 -7.27 -11.86
CA LYS A 44 22.60 -7.73 -11.55
C LYS A 44 23.55 -7.61 -12.75
N SER A 45 24.85 -7.65 -12.43
CA SER A 45 25.93 -7.80 -13.38
C SER A 45 26.09 -9.27 -13.73
N ASN A 46 25.97 -9.62 -15.01
CA ASN A 46 26.07 -11.02 -15.39
C ASN A 46 27.56 -11.37 -15.46
N PRO A 47 28.03 -12.30 -14.61
CA PRO A 47 29.49 -12.72 -14.60
C PRO A 47 30.06 -13.19 -16.00
N LEU A 48 29.26 -13.88 -16.79
CA LEU A 48 29.65 -14.19 -18.15
C LEU A 48 30.06 -12.96 -19.00
N THR A 49 29.60 -11.76 -18.63
CA THR A 49 29.88 -10.63 -19.48
C THR A 49 30.67 -9.57 -18.76
N GLN A 50 31.49 -9.95 -17.78
CA GLN A 50 32.30 -8.97 -16.99
C GLN A 50 33.24 -8.16 -17.89
N ASP A 51 33.69 -8.78 -18.99
CA ASP A 51 34.64 -8.17 -19.94
C ASP A 51 34.02 -7.93 -21.30
N LEU A 52 32.72 -7.69 -21.32
CA LEU A 52 32.03 -7.60 -22.58
C LEU A 52 32.57 -6.49 -23.43
N ASP A 53 33.09 -5.46 -22.78
CA ASP A 53 33.62 -4.30 -23.46
C ASP A 53 35.00 -4.63 -24.07
N LYS A 54 35.55 -5.80 -23.77
CA LYS A 54 36.78 -6.26 -24.46
C LYS A 54 36.49 -7.38 -25.49
N ALA A 55 35.37 -8.05 -25.38
CA ALA A 55 35.02 -8.99 -26.39
C ALA A 55 35.05 -8.39 -27.78
N ASP A 56 35.50 -9.19 -28.75
CA ASP A 56 35.32 -8.91 -30.18
C ASP A 56 33.91 -9.38 -30.67
N ALA A 57 33.60 -9.18 -31.93
CA ALA A 57 32.23 -9.48 -32.35
C ALA A 57 31.79 -10.93 -32.06
N GLU A 58 32.67 -11.89 -32.31
CA GLU A 58 32.34 -13.32 -32.25
C GLU A 58 32.19 -13.79 -30.79
N ASN A 59 33.11 -13.37 -29.93
CA ASN A 59 32.91 -13.34 -28.49
C ASN A 59 31.54 -12.77 -28.01
N ILE A 60 31.26 -11.53 -28.39
CA ILE A 60 29.99 -10.92 -28.07
C ILE A 60 28.86 -11.86 -28.40
N VAL A 61 28.78 -12.35 -29.66
CA VAL A 61 27.68 -13.27 -30.08
C VAL A 61 27.64 -14.51 -29.20
N ARG A 62 28.80 -14.99 -28.81
CA ARG A 62 28.86 -16.17 -27.99
C ARG A 62 28.38 -15.83 -26.56
N LEU A 63 28.83 -14.73 -26.01
CA LEU A 63 28.50 -14.38 -24.63
C LEU A 63 27.00 -14.12 -24.48
N LEU A 64 26.43 -13.34 -25.39
CA LEU A 64 24.98 -13.14 -25.42
C LEU A 64 24.16 -14.40 -25.74
N GLY A 65 24.67 -15.27 -26.61
CA GLY A 65 24.02 -16.59 -26.88
C GLY A 65 23.94 -17.36 -25.58
N GLN A 66 25.03 -17.32 -24.83
CA GLN A 66 25.09 -17.97 -23.52
C GLN A 66 24.06 -17.38 -22.55
N CYS A 67 24.10 -16.05 -22.40
CA CYS A 67 23.17 -15.31 -21.57
C CYS A 67 21.72 -15.70 -21.90
N ASP A 68 21.33 -15.60 -23.16
CA ASP A 68 20.01 -16.07 -23.63
C ASP A 68 19.71 -17.51 -23.32
N ALA A 69 20.73 -18.37 -23.36
CA ALA A 69 20.54 -19.79 -23.05
C ALA A 69 20.05 -19.93 -21.63
N GLU A 70 20.42 -19.00 -20.73
CA GLU A 70 20.11 -19.14 -19.30
C GLU A 70 18.59 -19.15 -19.02
N ILE A 71 17.84 -18.76 -20.02
CA ILE A 71 16.40 -18.78 -19.87
C ILE A 71 15.97 -20.22 -19.69
N PHE A 72 16.64 -21.17 -20.32
CA PHE A 72 16.16 -22.57 -20.30
C PHE A 72 16.87 -23.45 -19.29
N GLN A 73 17.93 -22.90 -18.69
CA GLN A 73 18.62 -23.55 -17.62
C GLN A 73 17.63 -23.92 -16.51
N GLU A 74 17.87 -25.09 -15.93
CA GLU A 74 17.00 -25.71 -14.93
C GLU A 74 17.48 -25.36 -13.57
N GLU A 75 16.60 -25.59 -12.59
CA GLU A 75 16.92 -25.29 -11.20
C GLU A 75 18.06 -26.16 -10.65
N GLY A 76 19.08 -25.52 -10.06
CA GLY A 76 20.05 -26.21 -9.18
C GLY A 76 19.41 -26.86 -7.94
N GLN A 77 20.20 -27.70 -7.25
CA GLN A 77 19.70 -28.48 -6.09
C GLN A 77 19.55 -27.64 -4.82
N SER A 80 19.22 -25.55 -3.18
CA SER A 80 18.73 -24.39 -2.41
C SER A 80 18.85 -23.03 -3.19
N THR A 81 17.79 -22.67 -3.92
CA THR A 81 17.93 -21.73 -5.05
C THR A 81 16.60 -21.32 -5.73
N TYR A 82 16.68 -20.39 -6.67
CA TYR A 82 15.45 -19.80 -7.27
C TYR A 82 14.70 -20.63 -8.35
N GLN A 83 13.39 -20.77 -8.23
CA GLN A 83 12.61 -21.42 -9.25
C GLN A 83 12.92 -20.80 -10.67
N ARG A 84 12.97 -21.67 -11.66
CA ARG A 84 13.25 -21.35 -13.05
C ARG A 84 12.12 -21.84 -13.96
N LEU A 85 12.31 -21.66 -15.25
CA LEU A 85 11.18 -21.83 -16.16
C LEU A 85 10.63 -23.27 -16.15
N TYR A 86 11.58 -24.21 -16.08
CA TYR A 86 11.28 -25.63 -16.08
C TYR A 86 11.08 -26.24 -14.69
N SER A 87 10.94 -25.41 -13.65
CA SER A 87 10.72 -25.96 -12.34
C SER A 87 9.22 -26.23 -12.28
N GLU A 88 8.85 -27.18 -11.42
CA GLU A 88 7.51 -27.74 -11.34
C GLU A 88 6.48 -26.70 -10.83
N SER A 89 6.93 -25.86 -9.91
CA SER A 89 6.09 -24.81 -9.40
C SER A 89 5.69 -23.84 -10.52
N ILE A 90 6.66 -23.42 -11.34
CA ILE A 90 6.37 -22.52 -12.46
C ILE A 90 5.45 -23.19 -13.47
N LEU A 91 5.78 -24.43 -13.92
CA LEU A 91 4.94 -25.06 -14.96
C LEU A 91 3.57 -25.32 -14.43
N THR A 92 3.46 -25.78 -13.19
CA THR A 92 2.15 -25.87 -12.50
C THR A 92 1.36 -24.57 -12.49
N THR A 93 2.05 -23.44 -12.28
CA THR A 93 1.35 -22.12 -12.36
C THR A 93 0.95 -21.81 -13.80
N MET A 94 1.81 -22.12 -14.76
CA MET A 94 1.41 -21.96 -16.13
C MET A 94 0.14 -22.76 -16.43
N VAL A 95 0.10 -23.99 -15.92
CA VAL A 95 -1.06 -24.87 -16.18
C VAL A 95 -2.33 -24.25 -15.60
N GLN A 96 -2.33 -23.94 -14.30
CA GLN A 96 -3.49 -23.23 -13.68
C GLN A 96 -3.97 -21.99 -14.45
N VAL A 97 -3.05 -21.23 -15.01
CA VAL A 97 -3.38 -20.01 -15.77
C VAL A 97 -4.04 -20.31 -17.12
N ALA A 98 -3.43 -21.20 -17.88
CA ALA A 98 -4.12 -21.79 -19.05
C ALA A 98 -5.57 -22.15 -18.72
N GLY A 99 -5.78 -22.90 -17.65
CA GLY A 99 -7.10 -23.22 -17.14
C GLY A 99 -7.98 -21.99 -17.15
N LYS A 100 -7.65 -20.99 -16.32
CA LYS A 100 -8.47 -19.75 -16.20
C LYS A 100 -8.69 -19.04 -17.54
N VAL A 101 -7.68 -19.05 -18.41
CA VAL A 101 -7.88 -18.52 -19.77
C VAL A 101 -8.98 -19.37 -20.48
N GLN A 102 -8.91 -20.69 -20.39
CA GLN A 102 -9.98 -21.54 -20.91
C GLN A 102 -11.40 -21.12 -20.44
N GLU A 103 -11.63 -20.90 -19.14
CA GLU A 103 -12.98 -20.50 -18.70
C GLU A 103 -13.51 -19.31 -19.47
N VAL A 104 -12.59 -18.41 -19.84
CA VAL A 104 -12.97 -17.19 -20.52
C VAL A 104 -13.29 -17.53 -21.95
N LEU A 105 -12.41 -18.29 -22.58
CA LEU A 105 -12.62 -18.81 -23.93
C LEU A 105 -13.95 -19.57 -24.05
N LYS A 106 -14.24 -20.44 -23.10
CA LYS A 106 -15.55 -21.13 -23.01
C LYS A 106 -16.71 -20.14 -23.12
N GLU A 107 -16.56 -18.99 -22.50
CA GLU A 107 -17.66 -18.09 -22.30
C GLU A 107 -17.22 -16.70 -22.69
N PRO A 108 -17.02 -16.46 -24.00
CA PRO A 108 -16.51 -15.16 -24.46
C PRO A 108 -17.41 -13.97 -24.24
N ASP A 109 -18.68 -14.15 -23.89
CA ASP A 109 -19.58 -12.99 -23.79
C ASP A 109 -19.34 -12.15 -22.54
N GLY A 110 -18.70 -11.01 -22.72
CA GLY A 110 -18.33 -10.16 -21.60
C GLY A 110 -17.00 -10.59 -21.00
N GLY A 111 -16.25 -11.39 -21.76
CA GLY A 111 -14.96 -11.90 -21.35
C GLY A 111 -13.95 -11.02 -22.02
N LEU A 112 -12.75 -10.86 -21.45
CA LEU A 112 -11.64 -10.12 -22.09
C LEU A 112 -10.29 -10.59 -21.52
N VAL A 113 -9.24 -10.56 -22.31
CA VAL A 113 -7.91 -10.92 -21.84
C VAL A 113 -6.95 -9.78 -22.12
N VAL A 114 -6.44 -9.12 -21.06
CA VAL A 114 -5.53 -8.00 -21.26
C VAL A 114 -4.09 -8.33 -20.94
N LEU A 115 -3.20 -7.99 -21.85
CA LEU A 115 -1.76 -8.12 -21.65
C LEU A 115 -1.14 -6.71 -21.54
N SER A 116 -0.49 -6.41 -20.42
CA SER A 116 -0.11 -5.02 -20.08
C SER A 116 1.30 -4.88 -19.59
N GLY A 117 2.03 -3.91 -20.09
CA GLY A 117 3.36 -3.65 -19.59
C GLY A 117 3.82 -2.31 -20.05
N GLY A 118 4.94 -1.86 -19.47
CA GLY A 118 5.67 -0.66 -19.90
C GLY A 118 6.77 -1.04 -20.86
N GLY A 119 7.16 -0.12 -21.76
CA GLY A 119 8.37 -0.27 -22.60
C GLY A 119 8.25 -1.63 -23.32
N THR A 120 9.32 -2.43 -23.23
CA THR A 120 9.39 -3.66 -23.99
C THR A 120 8.43 -4.68 -23.52
N SER A 121 8.01 -4.62 -22.26
CA SER A 121 6.95 -5.49 -21.83
C SER A 121 5.69 -5.10 -22.54
N GLY A 122 5.52 -3.78 -22.78
CA GLY A 122 4.33 -3.28 -23.54
C GLY A 122 4.33 -3.70 -25.02
N ARG A 123 5.48 -3.56 -25.66
CA ARG A 123 5.69 -4.07 -26.97
C ARG A 123 5.37 -5.57 -27.14
N MET A 124 5.94 -6.39 -26.26
CA MET A 124 5.67 -7.81 -26.29
C MET A 124 4.19 -8.08 -26.15
N ALA A 125 3.54 -7.32 -25.27
CA ALA A 125 2.11 -7.47 -25.04
C ALA A 125 1.23 -7.36 -26.32
N PHE A 126 1.67 -6.44 -27.15
CA PHE A 126 0.97 -6.00 -28.32
C PHE A 126 1.07 -7.12 -29.38
N LEU A 127 2.30 -7.53 -29.70
CA LEU A 127 2.50 -8.61 -30.61
C LEU A 127 1.63 -9.78 -30.24
N MET A 128 1.69 -10.15 -28.98
CA MET A 128 0.98 -11.34 -28.55
C MET A 128 -0.53 -11.19 -28.63
N SER A 129 -1.06 -9.99 -28.38
CA SER A 129 -2.50 -9.80 -28.44
C SER A 129 -2.96 -9.88 -29.90
N VAL A 130 -2.12 -9.44 -30.83
CA VAL A 130 -2.41 -9.59 -32.26
C VAL A 130 -2.46 -11.08 -32.64
N SER A 131 -1.35 -11.76 -32.40
CA SER A 131 -1.27 -13.20 -32.64
C SER A 131 -2.49 -13.93 -32.17
N PHE A 132 -2.85 -13.83 -30.89
CA PHE A 132 -3.93 -14.66 -30.37
C PHE A 132 -5.30 -14.17 -30.84
N ASN A 133 -5.32 -12.90 -31.29
CA ASN A 133 -6.49 -12.35 -32.00
C ASN A 133 -6.62 -12.92 -33.42
N GLN A 134 -5.49 -13.03 -34.13
CA GLN A 134 -5.49 -13.74 -35.39
C GLN A 134 -6.08 -15.16 -35.17
N LEU A 135 -5.42 -15.92 -34.30
CA LEU A 135 -5.85 -17.28 -34.00
C LEU A 135 -7.34 -17.44 -33.80
N MET A 136 -7.98 -16.50 -33.13
CA MET A 136 -9.43 -16.61 -32.93
C MET A 136 -10.23 -16.16 -34.16
N LYS A 137 -9.67 -15.24 -34.94
CA LYS A 137 -10.26 -14.85 -36.21
C LYS A 137 -10.23 -16.06 -37.17
N GLY A 138 -9.02 -16.61 -37.39
CA GLY A 138 -8.84 -17.87 -38.08
C GLY A 138 -9.90 -18.93 -37.78
N LEU A 139 -10.42 -18.99 -36.56
CA LEU A 139 -11.54 -19.88 -36.21
C LEU A 139 -12.93 -19.20 -36.21
N GLY A 140 -12.99 -17.95 -36.68
CA GLY A 140 -14.26 -17.20 -36.68
C GLY A 140 -14.83 -17.05 -35.29
N GLN A 141 -13.94 -16.75 -34.33
CA GLN A 141 -14.34 -16.36 -32.96
C GLN A 141 -14.02 -14.87 -32.79
N LYS A 142 -14.84 -14.19 -31.99
CA LYS A 142 -14.59 -12.76 -31.79
C LYS A 142 -13.28 -12.65 -30.98
N PRO A 143 -12.38 -11.75 -31.41
CA PRO A 143 -11.08 -11.56 -30.74
C PRO A 143 -11.25 -11.17 -29.25
N LEU A 144 -10.68 -11.93 -28.30
CA LEU A 144 -10.82 -11.58 -26.85
C LEU A 144 -9.61 -10.89 -26.24
N TYR A 145 -8.57 -10.63 -27.03
CA TYR A 145 -7.33 -10.15 -26.49
C TYR A 145 -7.20 -8.70 -26.75
N THR A 146 -6.52 -8.04 -25.83
CA THR A 146 -6.06 -6.68 -26.13
C THR A 146 -4.77 -6.38 -25.36
N TYR A 147 -4.11 -5.29 -25.73
CA TYR A 147 -2.90 -4.89 -25.05
C TYR A 147 -3.16 -3.57 -24.34
N LEU A 148 -2.22 -3.18 -23.48
CA LEU A 148 -2.14 -1.87 -22.82
C LEU A 148 -0.70 -1.59 -22.72
N ILE A 149 -0.28 -0.43 -23.15
CA ILE A 149 1.09 -0.04 -22.97
C ILE A 149 1.20 1.35 -22.32
N ALA A 150 2.21 1.51 -21.48
CA ALA A 150 2.44 2.75 -20.80
C ALA A 150 2.61 3.86 -21.81
N GLY A 151 1.66 4.80 -21.77
CA GLY A 151 1.67 6.02 -22.57
C GLY A 151 0.77 5.90 -23.80
N GLY A 152 -0.17 4.96 -23.79
CA GLY A 152 -0.97 4.62 -24.99
C GLY A 152 -0.25 4.03 -26.23
N ASP A 153 -1.01 3.75 -27.28
CA ASP A 153 -0.52 2.98 -28.46
C ASP A 153 0.69 3.59 -29.12
N ARG A 154 0.76 4.90 -29.06
CA ARG A 154 1.95 5.61 -29.44
C ARG A 154 3.18 4.83 -28.99
N SER A 155 3.17 4.42 -27.70
CA SER A 155 4.38 3.82 -27.07
C SER A 155 4.90 2.53 -27.78
N VAL A 156 4.02 1.73 -28.42
CA VAL A 156 4.43 0.46 -29.07
C VAL A 156 5.69 0.62 -29.93
N VAL A 157 5.75 1.70 -30.67
CA VAL A 157 6.83 1.92 -31.66
C VAL A 157 7.65 3.18 -31.37
N ALA A 158 7.54 3.68 -30.14
CA ALA A 158 8.29 4.87 -29.73
C ALA A 158 9.11 4.63 -28.45
N SER A 159 10.21 5.36 -28.34
CA SER A 159 10.97 5.50 -27.10
C SER A 159 10.31 6.51 -26.16
N ARG A 160 9.65 6.02 -25.12
CA ARG A 160 8.89 6.86 -24.18
C ARG A 160 9.06 6.32 -22.74
N GLU A 161 10.30 6.27 -22.30
CA GLU A 161 10.67 5.64 -21.01
C GLU A 161 10.01 6.25 -19.74
N GLY A 162 9.57 7.52 -19.83
CA GLY A 162 9.00 8.24 -18.70
C GLY A 162 7.57 7.89 -18.34
N THR A 163 6.87 7.17 -19.21
CA THR A 163 5.43 6.94 -19.01
C THR A 163 5.09 5.77 -18.10
N GLU A 164 6.09 4.99 -17.70
CA GLU A 164 5.84 3.85 -16.80
C GLU A 164 5.59 4.15 -15.26
N ASP A 165 5.69 5.42 -14.85
CA ASP A 165 5.90 5.80 -13.43
C ASP A 165 4.62 6.14 -12.66
N SER A 166 3.50 6.03 -13.33
CA SER A 166 2.21 6.35 -12.72
C SER A 166 1.29 5.17 -12.60
N ALA A 167 0.90 4.84 -11.37
CA ALA A 167 -0.06 3.78 -11.12
C ALA A 167 -1.47 4.17 -11.49
N LEU A 168 -1.85 5.45 -11.37
CA LEU A 168 -3.21 5.88 -11.80
C LEU A 168 -3.40 5.84 -13.33
N HIS A 169 -2.39 6.18 -14.09
CA HIS A 169 -2.41 6.00 -15.56
C HIS A 169 -2.69 4.51 -15.91
N GLY A 170 -1.98 3.59 -15.26
CA GLY A 170 -2.19 2.18 -15.50
C GLY A 170 -3.62 1.83 -15.19
N ILE A 171 -4.13 2.30 -14.07
CA ILE A 171 -5.49 1.98 -13.69
C ILE A 171 -6.46 2.62 -14.67
N GLU A 172 -6.20 3.86 -15.09
CA GLU A 172 -7.07 4.54 -16.07
C GLU A 172 -7.22 3.71 -17.36
N GLU A 173 -6.07 3.42 -17.96
CA GLU A 173 -5.97 2.61 -19.18
C GLU A 173 -6.68 1.25 -19.04
N LEU A 174 -6.51 0.60 -17.90
CA LEU A 174 -7.20 -0.63 -17.62
C LEU A 174 -8.72 -0.40 -17.52
N LYS A 175 -9.16 0.74 -16.95
CA LYS A 175 -10.60 0.95 -16.77
C LYS A 175 -11.27 1.22 -18.13
N LYS A 176 -10.58 1.91 -19.02
CA LYS A 176 -11.06 2.11 -20.39
C LYS A 176 -11.46 0.78 -21.01
N VAL A 177 -10.48 -0.10 -21.24
CA VAL A 177 -10.74 -1.33 -22.01
C VAL A 177 -11.57 -2.32 -21.27
N ALA A 178 -11.57 -2.33 -19.95
CA ALA A 178 -12.45 -3.25 -19.22
C ALA A 178 -13.91 -2.77 -19.13
N ALA A 179 -14.24 -1.68 -19.84
CA ALA A 179 -15.62 -1.38 -20.34
C ALA A 179 -16.73 -1.84 -19.39
N GLY A 180 -17.70 -2.60 -19.89
CA GLY A 180 -18.66 -3.26 -19.01
C GLY A 180 -18.52 -4.77 -19.24
N LYS A 181 -17.29 -5.28 -19.10
CA LYS A 181 -16.99 -6.71 -19.24
C LYS A 181 -17.31 -7.36 -17.94
N LYS A 182 -17.53 -8.66 -17.98
CA LYS A 182 -18.00 -9.39 -16.81
C LYS A 182 -16.88 -10.18 -16.15
N ARG A 183 -15.87 -10.56 -16.93
CA ARG A 183 -14.81 -11.51 -16.56
C ARG A 183 -13.58 -11.05 -17.33
N VAL A 184 -12.55 -10.59 -16.61
CA VAL A 184 -11.37 -10.01 -17.25
C VAL A 184 -10.04 -10.58 -16.72
N ILE A 185 -9.20 -11.06 -17.63
CA ILE A 185 -7.91 -11.55 -17.24
C ILE A 185 -6.88 -10.48 -17.56
N VAL A 186 -6.17 -10.02 -16.50
CA VAL A 186 -5.10 -9.01 -16.65
C VAL A 186 -3.72 -9.56 -16.36
N ILE A 187 -2.98 -9.72 -17.45
CA ILE A 187 -1.63 -10.21 -17.40
C ILE A 187 -0.69 -9.01 -17.37
N GLY A 188 -0.20 -8.71 -16.18
CA GLY A 188 0.67 -7.56 -15.98
C GLY A 188 2.08 -7.96 -16.17
N ILE A 189 2.75 -7.39 -17.14
CA ILE A 189 4.07 -7.81 -17.44
C ILE A 189 5.10 -6.81 -16.99
N SER A 190 5.92 -7.18 -15.99
CA SER A 190 7.02 -6.31 -15.59
C SER A 190 8.20 -7.16 -15.18
N VAL A 191 9.20 -7.14 -16.04
CA VAL A 191 10.33 -7.95 -15.95
C VAL A 191 10.98 -7.85 -14.61
N GLY A 192 11.17 -6.61 -14.19
CA GLY A 192 11.76 -6.35 -12.92
C GLY A 192 10.79 -6.44 -11.79
N LEU A 193 9.53 -6.72 -12.06
CA LEU A 193 8.48 -6.61 -11.03
C LEU A 193 8.61 -5.18 -10.39
N SER A 194 8.62 -4.23 -11.30
CA SER A 194 9.09 -2.90 -11.06
C SER A 194 8.07 -1.83 -11.44
N ALA A 195 7.33 -1.95 -12.57
CA ALA A 195 6.73 -0.74 -13.19
C ALA A 195 5.43 -0.31 -12.46
N PRO A 196 5.33 0.97 -12.04
CA PRO A 196 4.18 1.42 -11.33
C PRO A 196 2.92 1.30 -12.11
N PHE A 197 3.02 1.50 -13.43
CA PHE A 197 1.93 1.21 -14.39
C PHE A 197 1.27 -0.15 -14.12
N VAL A 198 2.06 -1.21 -13.97
CA VAL A 198 1.47 -2.54 -13.71
C VAL A 198 0.99 -2.65 -12.30
N ALA A 199 1.78 -2.14 -11.35
CA ALA A 199 1.39 -2.33 -9.92
C ALA A 199 -0.07 -1.87 -9.61
N GLY A 200 -0.41 -0.69 -10.10
CA GLY A 200 -1.79 -0.23 -9.88
C GLY A 200 -2.84 -1.15 -10.50
N GLN A 201 -2.61 -1.60 -11.73
CA GLN A 201 -3.53 -2.56 -12.39
C GLN A 201 -3.81 -3.79 -11.54
N MET A 202 -2.73 -4.34 -10.98
CA MET A 202 -2.81 -5.63 -10.26
C MET A 202 -3.57 -5.41 -9.00
N ASP A 203 -3.31 -4.25 -8.40
CA ASP A 203 -3.90 -3.88 -7.11
C ASP A 203 -5.41 -3.65 -7.30
N CYS A 204 -5.75 -2.84 -8.29
CA CYS A 204 -7.17 -2.62 -8.74
C CYS A 204 -7.88 -4.00 -8.96
N CYS A 205 -7.25 -4.90 -9.73
CA CYS A 205 -7.84 -6.26 -9.91
C CYS A 205 -8.07 -6.90 -8.61
N MET A 206 -7.12 -6.84 -7.70
CA MET A 206 -7.39 -7.51 -6.43
C MET A 206 -8.53 -6.88 -5.66
N ASN A 207 -8.88 -5.64 -5.94
CA ASN A 207 -10.00 -5.07 -5.24
C ASN A 207 -11.33 -5.42 -5.94
N ASN A 208 -11.30 -5.97 -7.15
CA ASN A 208 -12.54 -6.51 -7.69
C ASN A 208 -12.44 -7.92 -8.36
N THR A 209 -12.31 -8.92 -7.51
CA THR A 209 -12.04 -10.29 -7.88
C THR A 209 -13.20 -10.85 -8.67
N ALA A 210 -14.42 -10.64 -8.15
CA ALA A 210 -15.68 -10.83 -8.89
C ALA A 210 -15.49 -10.72 -10.39
N VAL A 211 -14.83 -9.67 -10.83
CA VAL A 211 -14.63 -9.42 -12.25
C VAL A 211 -13.22 -9.72 -12.74
N PHE A 212 -12.21 -9.23 -12.01
CA PHE A 212 -10.85 -9.29 -12.51
C PHE A 212 -10.09 -10.49 -11.98
N LEU A 213 -9.20 -11.00 -12.82
CA LEU A 213 -8.19 -11.94 -12.40
C LEU A 213 -6.82 -11.41 -12.83
N PRO A 214 -5.97 -10.99 -11.85
CA PRO A 214 -4.62 -10.53 -12.19
C PRO A 214 -3.61 -11.66 -12.24
N VAL A 215 -2.74 -11.59 -13.25
CA VAL A 215 -1.68 -12.51 -13.39
C VAL A 215 -0.45 -11.68 -13.63
N LEU A 216 0.51 -11.79 -12.73
CA LEU A 216 1.69 -10.96 -12.78
C LEU A 216 2.85 -11.76 -13.34
N VAL A 217 3.53 -11.18 -14.32
CA VAL A 217 4.62 -11.83 -14.94
C VAL A 217 5.85 -11.00 -14.93
N GLY A 218 6.95 -11.61 -14.54
CA GLY A 218 8.26 -10.96 -14.43
C GLY A 218 9.30 -12.00 -14.00
N PHE A 219 10.51 -11.55 -13.71
CA PHE A 219 11.59 -12.49 -13.59
C PHE A 219 12.44 -12.26 -12.36
N ASN A 220 11.80 -11.79 -11.28
CA ASN A 220 12.48 -11.73 -9.99
C ASN A 220 11.67 -12.52 -8.98
N PRO A 221 12.32 -13.11 -7.97
CA PRO A 221 11.49 -13.58 -6.82
C PRO A 221 10.71 -12.42 -6.22
N VAL A 222 9.56 -12.69 -5.68
CA VAL A 222 8.81 -11.65 -5.08
C VAL A 222 9.59 -10.94 -3.94
N SER A 223 10.45 -11.66 -3.26
CA SER A 223 11.32 -11.02 -2.28
C SER A 223 12.29 -10.02 -2.87
N MET A 224 12.41 -9.94 -4.18
CA MET A 224 13.25 -8.91 -4.73
C MET A 224 12.44 -7.95 -5.56
N ALA A 225 11.12 -7.98 -5.44
CA ALA A 225 10.26 -7.06 -6.17
C ALA A 225 10.51 -5.66 -5.68
N ARG A 226 10.34 -4.69 -6.55
CA ARG A 226 10.61 -3.30 -6.21
C ARG A 226 9.79 -2.82 -5.01
N ASN A 227 10.45 -2.02 -4.18
CA ASN A 227 9.90 -1.65 -2.89
C ASN A 227 10.11 -0.22 -2.49
N ASP A 228 10.50 0.68 -3.37
CA ASP A 228 10.50 2.11 -3.06
C ASP A 228 9.10 2.66 -3.38
N PRO A 229 8.65 3.70 -2.67
CA PRO A 229 7.33 4.22 -2.93
C PRO A 229 7.15 4.78 -4.36
N ILE A 230 5.93 4.69 -4.81
CA ILE A 230 5.42 5.17 -6.02
C ILE A 230 4.67 6.44 -5.67
N GLU A 231 4.90 7.44 -6.48
CA GLU A 231 4.47 8.78 -6.16
C GLU A 231 2.98 8.98 -6.16
N ASP A 232 2.25 8.26 -7.00
CA ASP A 232 0.77 8.39 -6.99
C ASP A 232 0.07 7.15 -6.41
N TRP A 233 0.72 6.43 -5.50
CA TRP A 233 0.13 5.17 -5.02
C TRP A 233 0.77 4.83 -3.65
N SER A 234 -0.03 4.21 -2.79
CA SER A 234 0.34 3.99 -1.39
C SER A 234 1.12 2.72 -1.10
N SER A 235 0.87 1.66 -1.90
CA SER A 235 1.54 0.38 -1.74
C SER A 235 2.71 0.30 -2.67
N THR A 236 3.61 -0.64 -2.42
CA THR A 236 4.73 -0.85 -3.34
C THR A 236 4.52 -2.07 -4.22
N PHE A 237 5.33 -2.20 -5.26
CA PHE A 237 5.19 -3.39 -6.14
C PHE A 237 5.26 -4.67 -5.29
N ARG A 238 6.24 -4.68 -4.40
CA ARG A 238 6.43 -5.86 -3.52
C ARG A 238 5.20 -6.26 -2.75
N GLN A 239 4.50 -5.29 -2.15
CA GLN A 239 3.35 -5.61 -1.35
C GLN A 239 2.26 -6.18 -2.21
N VAL A 240 2.13 -5.56 -3.36
CA VAL A 240 1.16 -5.96 -4.29
C VAL A 240 1.47 -7.37 -4.70
N ALA A 241 2.72 -7.67 -5.02
CA ALA A 241 3.02 -9.02 -5.43
C ALA A 241 2.89 -10.02 -4.28
N GLU A 242 3.25 -9.64 -3.07
CA GLU A 242 3.15 -10.61 -1.95
C GLU A 242 1.70 -10.92 -1.73
N ARG A 243 0.83 -9.93 -1.93
CA ARG A 243 -0.58 -10.18 -1.69
C ARG A 243 -1.20 -11.03 -2.80
N MET A 244 -0.71 -10.90 -4.05
CA MET A 244 -1.15 -11.76 -5.15
C MET A 244 -0.73 -13.24 -4.92
N GLN A 245 0.49 -13.43 -4.45
CA GLN A 245 0.97 -14.73 -4.08
C GLN A 245 0.08 -15.42 -3.01
N LYS A 246 -0.32 -14.72 -1.96
CA LYS A 246 -1.27 -15.30 -1.02
C LYS A 246 -2.60 -15.69 -1.69
N MET A 247 -3.06 -14.89 -2.65
CA MET A 247 -4.32 -15.17 -3.33
C MET A 247 -4.24 -16.38 -4.24
N GLN A 248 -3.06 -16.71 -4.71
CA GLN A 248 -2.87 -17.81 -5.58
C GLN A 248 -3.33 -19.14 -4.98
N GLU A 249 -3.05 -19.35 -3.70
CA GLU A 249 -3.63 -20.47 -2.93
C GLU A 249 -5.14 -20.66 -3.04
N LYS A 250 -5.90 -19.59 -3.29
CA LYS A 250 -7.34 -19.71 -3.56
C LYS A 250 -7.53 -19.58 -5.07
N GLN A 251 -6.44 -19.61 -5.85
CA GLN A 251 -6.51 -19.39 -7.30
C GLN A 251 -7.22 -18.15 -7.80
N LYS A 252 -7.10 -17.08 -7.03
CA LYS A 252 -7.62 -15.78 -7.50
C LYS A 252 -6.58 -14.78 -7.97
N ALA A 253 -5.29 -15.09 -7.82
CA ALA A 253 -4.27 -14.34 -8.50
C ALA A 253 -3.16 -15.30 -8.77
N PHE A 254 -2.28 -14.93 -9.67
CA PHE A 254 -1.15 -15.75 -9.96
C PHE A 254 0.06 -14.89 -10.19
N VAL A 255 1.19 -15.39 -9.74
CA VAL A 255 2.44 -14.76 -10.02
C VAL A 255 3.30 -15.78 -10.75
N LEU A 256 3.79 -15.44 -11.93
CA LEU A 256 4.57 -16.32 -12.78
C LEU A 256 5.91 -15.63 -12.96
N ASN A 257 6.89 -16.04 -12.18
CA ASN A 257 8.13 -15.33 -12.03
C ASN A 257 9.38 -16.19 -11.95
N PRO A 258 9.73 -16.88 -13.03
CA PRO A 258 10.97 -17.69 -13.04
C PRO A 258 12.19 -16.82 -13.11
N ALA A 259 13.29 -17.20 -12.46
CA ALA A 259 14.55 -16.54 -12.65
C ALA A 259 15.10 -16.95 -14.02
N ILE A 260 15.71 -16.02 -14.71
CA ILE A 260 16.35 -16.37 -15.98
C ILE A 260 17.76 -15.89 -16.04
N GLY A 261 18.28 -15.38 -14.92
CA GLY A 261 19.68 -14.89 -14.83
C GLY A 261 19.78 -13.45 -15.34
N PRO A 262 20.80 -12.71 -14.94
CA PRO A 262 20.90 -11.31 -15.31
C PRO A 262 21.07 -11.13 -16.79
N GLU A 263 20.87 -9.91 -17.26
CA GLU A 263 20.97 -9.57 -18.68
C GLU A 263 22.43 -9.41 -19.02
N GLY A 264 22.85 -9.78 -20.23
CA GLY A 264 24.25 -9.66 -20.62
C GLY A 264 24.75 -8.21 -20.57
N LEU A 265 23.87 -7.27 -20.93
CA LEU A 265 23.99 -5.85 -20.57
C LEU A 265 23.05 -5.59 -19.37
N SER A 266 23.67 -5.36 -18.21
CA SER A 266 23.01 -5.17 -16.95
C SER A 266 21.79 -4.30 -17.06
N GLY A 267 20.65 -4.90 -16.67
CA GLY A 267 19.42 -4.23 -16.51
C GLY A 267 18.79 -3.97 -17.85
N SER A 268 19.37 -4.46 -18.95
CA SER A 268 18.77 -4.21 -20.25
C SER A 268 17.67 -5.24 -20.48
N SER A 269 16.57 -5.10 -19.76
CA SER A 269 15.55 -6.12 -19.74
C SER A 269 14.74 -6.26 -21.10
N ARG A 270 15.04 -5.42 -22.08
CA ARG A 270 14.41 -5.64 -23.39
C ARG A 270 14.87 -6.97 -24.04
N MET A 271 16.01 -7.49 -23.60
CA MET A 271 16.66 -8.64 -24.15
C MET A 271 16.09 -9.93 -23.60
N LYS A 272 16.77 -10.58 -22.66
CA LYS A 272 16.20 -11.78 -22.08
C LYS A 272 14.80 -11.58 -21.52
N GLY A 273 14.58 -10.48 -20.79
CA GLY A 273 13.27 -10.26 -20.25
C GLY A 273 12.13 -10.33 -21.28
N GLY A 274 12.32 -9.63 -22.40
CA GLY A 274 11.26 -9.58 -23.43
C GLY A 274 11.20 -10.94 -24.14
N SER A 275 12.35 -11.54 -24.42
CA SER A 275 12.38 -12.92 -24.96
C SER A 275 11.59 -13.91 -24.08
N ALA A 276 12.01 -14.03 -22.82
CA ALA A 276 11.32 -14.90 -21.88
C ALA A 276 9.81 -14.55 -21.72
N THR A 277 9.47 -13.28 -21.91
CA THR A 277 8.09 -12.92 -21.81
C THR A 277 7.30 -13.68 -22.91
N LYS A 278 7.76 -13.60 -24.14
CA LYS A 278 7.10 -14.27 -25.27
C LYS A 278 7.06 -15.78 -25.01
N ILE A 279 8.24 -16.33 -24.73
CA ILE A 279 8.35 -17.75 -24.50
C ILE A 279 7.28 -18.14 -23.50
N LEU A 280 7.25 -17.44 -22.39
CA LEU A 280 6.37 -17.89 -21.32
C LEU A 280 4.91 -17.74 -21.72
N LEU A 281 4.58 -16.59 -22.30
CA LEU A 281 3.17 -16.29 -22.54
C LEU A 281 2.63 -16.98 -23.81
N GLU A 282 3.41 -16.99 -24.88
CA GLU A 282 2.97 -17.73 -26.07
C GLU A 282 2.69 -19.21 -25.71
N THR A 283 3.71 -19.88 -25.19
CA THR A 283 3.55 -21.23 -24.67
C THR A 283 2.18 -21.50 -24.03
N LEU A 284 1.85 -20.70 -23.05
CA LEU A 284 0.74 -21.03 -22.15
C LEU A 284 -0.60 -20.70 -22.77
N LEU A 285 -0.60 -19.62 -23.51
CA LEU A 285 -1.82 -19.20 -24.12
C LEU A 285 -2.14 -20.26 -25.23
N LEU A 286 -1.14 -20.50 -26.09
CA LEU A 286 -1.25 -21.46 -27.15
C LEU A 286 -1.71 -22.81 -26.63
N ALA A 287 -1.17 -23.24 -25.49
CA ALA A 287 -1.70 -24.46 -24.87
C ALA A 287 -3.18 -24.40 -24.53
N ALA A 288 -3.62 -23.21 -24.10
CA ALA A 288 -4.96 -23.13 -23.57
C ALA A 288 -5.92 -23.30 -24.76
N HIS A 289 -5.58 -22.63 -25.87
CA HIS A 289 -6.39 -22.66 -27.07
C HIS A 289 -6.42 -24.10 -27.61
N LYS A 290 -5.25 -24.60 -28.00
CA LYS A 290 -5.19 -25.88 -28.63
C LYS A 290 -5.91 -26.97 -27.75
N THR A 291 -5.59 -27.06 -26.47
CA THR A 291 -6.31 -27.99 -25.61
C THR A 291 -7.80 -27.70 -25.36
N VAL A 292 -8.26 -26.46 -25.53
CA VAL A 292 -9.70 -26.19 -25.37
C VAL A 292 -10.57 -26.84 -26.49
N ASP A 293 -10.07 -26.86 -27.72
CA ASP A 293 -10.82 -27.50 -28.81
C ASP A 293 -10.78 -28.97 -28.58
N GLN A 294 -9.66 -29.50 -28.06
CA GLN A 294 -9.56 -30.95 -27.80
C GLN A 294 -10.44 -31.45 -26.67
N GLY A 295 -11.03 -30.53 -25.89
CA GLY A 295 -11.78 -30.94 -24.70
C GLY A 295 -10.91 -31.63 -23.66
N ILE A 296 -9.60 -31.38 -23.73
CA ILE A 296 -8.63 -31.84 -22.71
C ILE A 296 -8.13 -30.64 -21.87
N ALA A 297 -7.89 -30.85 -20.57
CA ALA A 297 -7.17 -29.84 -19.76
C ALA A 297 -5.78 -29.58 -20.35
N ALA A 298 -5.32 -28.33 -20.26
CA ALA A 298 -3.90 -28.07 -20.53
C ALA A 298 -3.06 -28.76 -19.44
N SER A 299 -1.92 -29.32 -19.82
CA SER A 299 -1.11 -30.19 -18.94
C SER A 299 0.36 -29.80 -19.10
N GLN A 300 1.19 -30.18 -18.14
CA GLN A 300 2.64 -29.83 -18.20
C GLN A 300 3.19 -30.35 -19.50
N ARG A 301 2.73 -31.55 -19.88
CA ARG A 301 3.12 -32.18 -21.14
C ARG A 301 2.77 -31.31 -22.32
N CYS A 302 1.56 -30.75 -22.42
CA CYS A 302 1.37 -29.86 -23.59
C CYS A 302 2.35 -28.65 -23.58
N LEU A 303 2.62 -28.07 -22.40
CA LEU A 303 3.50 -26.84 -22.30
C LEU A 303 4.92 -27.15 -22.66
N LEU A 304 5.41 -28.27 -22.12
CA LEU A 304 6.73 -28.78 -22.41
C LEU A 304 7.04 -28.96 -23.91
N GLU A 305 6.07 -29.45 -24.68
CA GLU A 305 6.30 -29.60 -26.11
C GLU A 305 6.68 -28.24 -26.63
N ILE A 306 5.87 -27.26 -26.27
CA ILE A 306 6.12 -25.89 -26.74
C ILE A 306 7.44 -25.27 -26.22
N LEU A 307 7.69 -25.42 -24.93
CA LEU A 307 8.91 -24.83 -24.37
C LEU A 307 10.13 -25.43 -25.03
N ARG A 308 10.11 -26.76 -25.21
CA ARG A 308 11.24 -27.43 -25.90
C ARG A 308 11.42 -26.98 -27.34
N THR A 309 10.32 -26.70 -28.03
CA THR A 309 10.43 -26.11 -29.36
C THR A 309 11.15 -24.76 -29.23
N PHE A 310 10.74 -23.92 -28.28
CA PHE A 310 11.43 -22.62 -28.16
C PHE A 310 12.87 -22.83 -27.80
N GLU A 311 13.16 -23.88 -27.04
CA GLU A 311 14.56 -24.10 -26.67
C GLU A 311 15.43 -24.54 -27.90
N ARG A 312 14.85 -25.37 -28.77
CA ARG A 312 15.48 -25.68 -30.10
C ARG A 312 15.73 -24.37 -30.87
N ALA A 313 14.70 -23.53 -30.90
CA ALA A 313 14.78 -22.26 -31.61
C ALA A 313 16.00 -21.43 -31.21
N HIS A 314 16.42 -21.50 -29.96
CA HIS A 314 17.67 -20.83 -29.61
C HIS A 314 18.84 -21.47 -30.25
N GLN A 315 18.86 -22.80 -30.23
CA GLN A 315 20.00 -23.55 -30.79
C GLN A 315 20.12 -23.37 -32.30
N VAL A 316 19.00 -23.56 -32.96
CA VAL A 316 18.86 -23.24 -34.39
C VAL A 316 19.38 -21.84 -34.68
N THR A 317 18.95 -20.86 -33.87
CA THR A 317 19.27 -19.46 -34.14
C THR A 317 20.76 -19.19 -34.03
N TYR A 318 21.34 -19.59 -32.92
CA TYR A 318 22.73 -19.27 -32.67
C TYR A 318 23.73 -20.16 -33.39
N SER A 319 23.29 -21.16 -34.15
CA SER A 319 24.25 -21.98 -34.90
C SER A 319 24.76 -21.18 -36.08
N GLN A 320 23.92 -20.26 -36.53
CA GLN A 320 24.34 -19.22 -37.45
C GLN A 320 25.18 -18.13 -36.81
N SER A 321 25.98 -18.44 -35.80
CA SER A 321 26.71 -17.35 -35.11
C SER A 321 27.71 -16.51 -35.93
N PRO A 322 28.58 -17.16 -36.72
CA PRO A 322 29.58 -16.37 -37.47
C PRO A 322 28.94 -15.31 -38.38
N LYS A 323 27.85 -15.66 -39.05
CA LYS A 323 27.14 -14.68 -39.91
C LYS A 323 26.56 -13.56 -39.04
N ILE A 324 26.22 -13.90 -37.79
CA ILE A 324 25.72 -12.90 -36.87
C ILE A 324 26.85 -11.96 -36.45
N ALA A 325 28.01 -12.48 -36.07
CA ALA A 325 29.15 -11.58 -35.83
C ALA A 325 29.47 -10.64 -37.01
N THR A 326 29.32 -11.14 -38.24
CA THR A 326 29.66 -10.33 -39.44
C THR A 326 28.66 -9.18 -39.60
N LEU A 327 27.36 -9.48 -39.51
CA LEU A 327 26.33 -8.44 -39.63
C LEU A 327 26.55 -7.38 -38.55
N MET A 328 26.86 -7.84 -37.35
CA MET A 328 27.21 -6.95 -36.27
C MET A 328 28.33 -6.02 -36.70
N LYS A 329 29.43 -6.61 -37.16
CA LYS A 329 30.60 -5.79 -37.56
C LYS A 329 30.26 -4.77 -38.66
N SER A 330 29.37 -5.11 -39.58
CA SER A 330 28.91 -4.15 -40.61
C SER A 330 27.96 -3.05 -40.05
N VAL A 331 27.19 -3.37 -39.00
CA VAL A 331 26.38 -2.37 -38.32
C VAL A 331 27.27 -1.45 -37.51
N SER A 332 28.27 -2.02 -36.86
CA SER A 332 29.16 -1.23 -36.03
C SER A 332 29.95 -0.24 -36.89
N THR A 333 30.46 -0.72 -38.02
CA THR A 333 31.25 0.10 -38.99
C THR A 333 30.50 1.36 -39.47
N SER A 334 29.30 1.18 -40.04
CA SER A 334 28.44 2.29 -40.51
C SER A 334 28.17 3.37 -39.44
N LEU A 335 28.12 2.94 -38.18
CA LEU A 335 27.92 3.83 -37.08
C LEU A 335 29.21 4.43 -36.68
N GLU A 336 30.29 3.68 -36.84
CA GLU A 336 31.59 4.17 -36.45
C GLU A 336 31.99 5.30 -37.37
N LYS A 337 31.44 5.35 -38.59
CA LYS A 337 31.65 6.49 -39.48
C LYS A 337 30.57 7.48 -39.12
N LYS A 338 29.53 7.62 -39.90
CA LYS A 338 28.38 8.39 -39.42
C LYS A 338 27.15 7.93 -40.13
N GLY A 339 27.17 6.67 -40.55
CA GLY A 339 26.09 6.12 -41.35
C GLY A 339 24.87 5.74 -40.54
N HIS A 340 23.94 5.09 -41.21
CA HIS A 340 22.66 4.79 -40.67
C HIS A 340 22.36 3.32 -41.03
N VAL A 341 21.47 2.68 -40.27
CA VAL A 341 21.22 1.26 -40.43
C VAL A 341 19.73 1.03 -40.57
N TYR A 342 19.38 0.31 -41.62
CA TYR A 342 17.98 0.18 -41.96
C TYR A 342 17.61 -1.31 -41.82
N LEU A 343 16.53 -1.57 -41.10
CA LEU A 343 16.11 -2.90 -40.82
C LEU A 343 14.80 -2.99 -41.53
N VAL A 344 14.76 -3.84 -42.57
CA VAL A 344 13.65 -3.79 -43.48
C VAL A 344 13.02 -5.14 -43.50
N GLY A 345 11.75 -5.22 -43.12
CA GLY A 345 11.23 -6.53 -42.86
C GLY A 345 9.76 -6.53 -43.10
N TRP A 346 9.17 -7.72 -43.18
CA TRP A 346 7.78 -7.85 -43.66
C TRP A 346 6.90 -8.45 -42.56
N GLN A 347 5.61 -8.10 -42.54
CA GLN A 347 4.69 -8.49 -41.46
C GLN A 347 5.40 -8.40 -40.09
N THR A 348 5.10 -9.31 -39.14
CA THR A 348 5.51 -9.06 -37.78
C THR A 348 7.03 -8.99 -37.58
N LEU A 349 7.83 -9.48 -38.51
CA LEU A 349 9.26 -9.29 -38.35
C LEU A 349 9.68 -7.90 -38.72
N GLY A 350 8.83 -7.17 -39.42
CA GLY A 350 9.12 -5.77 -39.70
C GLY A 350 9.00 -4.98 -38.41
N ILE A 351 7.87 -5.16 -37.75
CA ILE A 351 7.55 -4.54 -36.49
C ILE A 351 8.71 -4.77 -35.56
N ILE A 352 9.07 -6.04 -35.35
CA ILE A 352 10.17 -6.41 -34.44
C ILE A 352 11.39 -5.62 -34.76
N ALA A 353 11.66 -5.40 -36.06
CA ALA A 353 12.83 -4.56 -36.48
C ALA A 353 12.72 -3.10 -36.01
N ILE A 354 11.49 -2.60 -36.05
CA ILE A 354 11.19 -1.24 -35.68
C ILE A 354 11.42 -1.17 -34.18
N MET A 355 10.81 -2.11 -33.48
CA MET A 355 10.96 -2.19 -32.05
C MET A 355 12.41 -2.21 -31.70
N ASP A 356 13.22 -3.01 -32.37
CA ASP A 356 14.64 -3.02 -31.98
C ASP A 356 15.24 -1.65 -32.10
N GLY A 357 14.99 -1.00 -33.24
CA GLY A 357 15.72 0.23 -33.61
C GLY A 357 15.40 1.41 -32.68
N VAL A 358 14.12 1.59 -32.44
CA VAL A 358 13.63 2.50 -31.43
C VAL A 358 14.26 2.30 -30.02
N GLU A 359 14.47 1.04 -29.60
CA GLU A 359 14.95 0.80 -28.26
C GLU A 359 16.41 1.16 -28.13
N CYS A 360 17.09 1.27 -29.25
CA CYS A 360 18.50 1.71 -29.21
C CYS A 360 18.70 3.18 -28.78
N ILE A 361 17.64 3.99 -28.93
CA ILE A 361 17.68 5.42 -28.57
C ILE A 361 17.89 5.57 -27.05
N HIS A 362 16.99 4.99 -26.24
CA HIS A 362 17.14 5.07 -24.78
C HIS A 362 18.23 4.12 -24.33
N THR A 363 18.39 2.96 -24.95
CA THR A 363 19.42 2.03 -24.46
C THR A 363 20.83 2.51 -24.69
N PHE A 364 21.08 3.11 -25.85
CA PHE A 364 22.42 3.57 -26.14
C PHE A 364 22.62 5.09 -26.39
N GLY A 365 21.60 5.90 -26.14
CA GLY A 365 21.73 7.33 -26.35
C GLY A 365 21.90 7.61 -27.83
N ALA A 366 21.20 6.84 -28.66
CA ALA A 366 21.46 6.81 -30.09
C ALA A 366 20.33 7.55 -30.76
N ASP A 367 20.61 8.19 -31.90
CA ASP A 367 19.61 8.94 -32.67
C ASP A 367 18.71 7.96 -33.47
N PHE A 368 17.43 8.29 -33.68
CA PHE A 368 16.48 7.42 -34.43
C PHE A 368 16.88 6.98 -35.83
N ARG A 369 17.83 7.70 -36.42
CA ARG A 369 18.35 7.34 -37.73
C ARG A 369 19.41 6.23 -37.56
N ASP A 370 19.97 6.10 -36.36
CA ASP A 370 21.14 5.22 -36.19
C ASP A 370 20.87 3.75 -36.55
N VAL A 371 19.74 3.27 -36.06
CA VAL A 371 19.31 1.91 -36.29
C VAL A 371 17.80 2.08 -36.36
N ARG A 372 17.24 1.93 -37.54
CA ARG A 372 15.84 2.29 -37.71
C ARG A 372 15.13 1.13 -38.40
N GLY A 373 13.92 0.83 -37.99
CA GLY A 373 13.17 -0.27 -38.54
C GLY A 373 12.12 0.20 -39.51
N PHE A 374 11.59 -0.74 -40.30
CA PHE A 374 10.69 -0.48 -41.43
C PHE A 374 9.84 -1.74 -41.73
N LEU A 375 8.53 -1.58 -41.86
CA LEU A 375 7.60 -2.64 -42.29
C LEU A 375 7.00 -2.40 -43.72
N ILE A 376 6.89 -3.46 -44.52
CA ILE A 376 6.21 -3.41 -45.84
C ILE A 376 5.04 -4.40 -45.88
N PHE A 396 7.51 4.67 -40.37
CA PHE A 396 7.89 3.26 -40.02
C PHE A 396 7.20 2.17 -40.89
N THR A 397 5.98 2.47 -41.33
CA THR A 397 5.12 1.53 -42.00
C THR A 397 4.99 1.90 -43.52
N PHE A 398 6.09 1.78 -44.27
CA PHE A 398 6.15 2.28 -45.64
C PHE A 398 5.87 1.23 -46.74
N SER A 399 5.35 1.72 -47.87
CA SER A 399 5.01 0.87 -49.02
C SER A 399 6.23 0.61 -49.93
N GLN A 400 6.07 -0.30 -50.90
CA GLN A 400 7.16 -0.64 -51.84
C GLN A 400 7.82 0.55 -52.51
N GLU A 401 7.03 1.26 -53.34
CA GLU A 401 7.54 2.47 -54.05
C GLU A 401 7.92 3.52 -52.98
N ASP A 402 7.00 3.77 -52.05
CA ASP A 402 7.18 4.76 -50.97
C ASP A 402 8.59 4.74 -50.36
N PHE A 403 9.04 3.56 -49.96
CA PHE A 403 10.41 3.36 -49.52
C PHE A 403 11.40 3.64 -50.67
N LEU A 404 11.08 3.13 -51.85
CA LEU A 404 11.86 3.45 -53.06
C LEU A 404 11.99 4.99 -53.26
N THR A 405 10.88 5.75 -53.16
CA THR A 405 10.95 7.20 -53.46
C THR A 405 11.52 7.98 -52.29
N SER A 406 10.86 7.93 -51.14
CA SER A 406 11.31 8.73 -49.98
C SER A 406 12.70 8.28 -49.46
N ILE A 407 12.77 7.09 -48.89
CA ILE A 407 13.95 6.65 -48.12
C ILE A 407 15.18 6.29 -49.00
N LEU A 408 14.94 5.67 -50.14
CA LEU A 408 16.04 5.20 -51.01
C LEU A 408 17.14 6.26 -51.32
N PRO A 409 16.77 7.48 -51.81
CA PRO A 409 17.79 8.48 -52.17
C PRO A 409 18.78 8.85 -51.05
N SER A 410 18.33 8.75 -49.80
CA SER A 410 19.16 9.12 -48.63
C SER A 410 20.31 8.13 -48.34
N LEU A 411 20.28 6.94 -48.97
CA LEU A 411 21.30 5.91 -48.76
C LEU A 411 22.62 6.24 -49.41
N THR A 412 23.67 5.50 -49.08
CA THR A 412 25.07 5.97 -49.13
C THR A 412 26.09 4.82 -48.96
N GLU A 413 27.33 5.04 -49.40
CA GLU A 413 28.37 3.99 -49.48
C GLU A 413 28.63 3.29 -48.14
N ILE A 414 28.55 4.08 -47.06
CA ILE A 414 28.94 3.64 -45.71
C ILE A 414 27.85 2.97 -44.87
N ASP A 415 26.59 3.03 -45.33
CA ASP A 415 25.44 2.51 -44.60
C ASP A 415 25.42 0.97 -44.55
N THR A 416 24.37 0.43 -43.90
CA THR A 416 24.02 -0.98 -43.96
C THR A 416 22.50 -1.11 -44.02
N VAL A 417 21.99 -1.94 -44.92
CA VAL A 417 20.57 -2.24 -44.98
C VAL A 417 20.35 -3.76 -44.79
N VAL A 418 19.44 -4.10 -43.89
CA VAL A 418 19.16 -5.49 -43.52
C VAL A 418 17.72 -5.87 -43.89
N PHE A 419 17.62 -7.01 -44.56
CA PHE A 419 16.36 -7.48 -45.05
C PHE A 419 15.98 -8.72 -44.32
N ILE A 420 14.70 -8.76 -43.93
CA ILE A 420 14.20 -9.72 -42.95
C ILE A 420 12.82 -10.20 -43.37
N PHE A 421 12.76 -11.48 -43.74
CA PHE A 421 11.56 -12.04 -44.35
C PHE A 421 11.61 -13.58 -44.26
N THR A 422 10.50 -14.19 -44.64
CA THR A 422 10.44 -15.62 -44.83
C THR A 422 10.32 -15.86 -46.34
N LEU A 423 10.39 -17.12 -46.74
CA LEU A 423 10.15 -17.47 -48.14
C LEU A 423 8.68 -17.43 -48.45
N ASP A 424 7.82 -17.45 -47.43
CA ASP A 424 6.41 -17.32 -47.69
C ASP A 424 5.95 -15.86 -47.91
N ASP A 425 6.86 -14.89 -48.08
CA ASP A 425 6.44 -13.46 -48.01
C ASP A 425 5.90 -12.67 -49.26
N ASN A 426 6.48 -12.87 -50.44
CA ASN A 426 6.33 -11.96 -51.62
C ASN A 426 7.74 -11.46 -51.92
N LEU A 427 8.47 -12.39 -52.51
CA LEU A 427 9.86 -12.18 -52.84
C LEU A 427 10.06 -11.29 -54.08
N THR A 428 8.99 -11.01 -54.84
CA THR A 428 9.02 -10.03 -55.98
C THR A 428 8.97 -8.57 -55.52
N GLU A 429 8.51 -8.38 -54.28
CA GLU A 429 8.52 -7.08 -53.60
C GLU A 429 9.90 -6.95 -53.00
N VAL A 430 10.38 -8.06 -52.46
CA VAL A 430 11.68 -8.13 -51.82
C VAL A 430 12.80 -7.89 -52.84
N GLN A 431 12.91 -8.77 -53.82
CA GLN A 431 14.03 -8.69 -54.77
C GLN A 431 14.16 -7.29 -55.39
N THR A 432 13.02 -6.69 -55.73
CA THR A 432 12.96 -5.31 -56.26
C THR A 432 13.71 -4.29 -55.39
N ILE A 433 13.41 -4.30 -54.10
CA ILE A 433 13.89 -3.27 -53.18
C ILE A 433 15.37 -3.48 -52.99
N VAL A 434 15.79 -4.73 -53.00
CA VAL A 434 17.20 -5.02 -52.83
C VAL A 434 17.98 -4.60 -54.07
N GLU A 435 17.44 -4.96 -55.24
CA GLU A 435 18.03 -4.53 -56.52
C GLU A 435 18.39 -3.05 -56.42
N GLN A 436 17.35 -2.26 -56.11
CA GLN A 436 17.47 -0.82 -55.97
C GLN A 436 18.58 -0.39 -55.01
N VAL A 437 18.63 -1.01 -53.82
CA VAL A 437 19.57 -0.63 -52.74
C VAL A 437 20.97 -1.10 -53.04
N LYS A 438 21.08 -2.23 -53.71
CA LYS A 438 22.39 -2.78 -54.06
C LYS A 438 23.13 -1.76 -54.91
N GLU A 439 22.38 -0.93 -55.64
CA GLU A 439 22.97 0.22 -56.35
C GLU A 439 23.58 1.24 -55.39
N LYS A 440 22.72 2.01 -54.70
CA LYS A 440 23.15 3.10 -53.79
C LYS A 440 24.04 2.54 -52.61
N THR A 441 23.80 1.32 -52.12
CA THR A 441 24.76 0.69 -51.15
C THR A 441 25.11 -0.75 -51.45
N ASN A 442 26.29 -1.15 -50.98
CA ASN A 442 26.83 -2.50 -51.07
C ASN A 442 26.72 -3.42 -49.79
N HIS A 443 26.88 -2.87 -48.59
CA HIS A 443 26.67 -3.67 -47.35
C HIS A 443 25.16 -3.99 -47.22
N ILE A 444 24.74 -5.17 -47.64
CA ILE A 444 23.34 -5.52 -47.51
C ILE A 444 23.05 -6.97 -47.08
N GLN A 445 23.71 -7.45 -46.03
CA GLN A 445 23.48 -8.81 -45.46
C GLN A 445 21.95 -9.04 -45.28
N ALA A 446 21.48 -10.28 -45.04
CA ALA A 446 20.02 -10.49 -44.90
C ALA A 446 19.57 -11.74 -44.11
N LEU A 447 18.28 -11.73 -43.69
CA LEU A 447 17.77 -12.66 -42.67
C LEU A 447 16.47 -13.38 -43.09
N ALA A 448 16.65 -14.65 -43.44
CA ALA A 448 15.63 -15.38 -44.18
C ALA A 448 15.26 -16.67 -43.48
N HIS A 449 14.01 -16.71 -43.06
CA HIS A 449 13.48 -17.86 -42.39
C HIS A 449 12.80 -18.74 -43.44
N SER A 450 13.07 -20.05 -43.39
CA SER A 450 12.49 -21.01 -44.32
C SER A 450 12.15 -22.31 -43.64
N THR A 451 11.01 -22.89 -44.00
CA THR A 451 10.78 -24.31 -43.72
C THR A 451 11.62 -25.19 -44.74
N VAL A 452 12.27 -26.27 -44.26
CA VAL A 452 13.23 -27.11 -45.06
C VAL A 452 12.82 -27.47 -46.52
N GLY A 453 13.74 -27.22 -47.46
CA GLY A 453 13.50 -27.52 -48.88
C GLY A 453 12.74 -26.46 -49.66
N GLN A 454 12.43 -25.33 -49.04
CA GLN A 454 12.05 -24.15 -49.81
C GLN A 454 13.40 -23.69 -50.38
N THR A 455 13.42 -23.08 -51.58
CA THR A 455 14.72 -22.95 -52.23
C THR A 455 15.34 -21.57 -52.20
N LEU A 456 14.57 -20.58 -52.64
CA LEU A 456 14.98 -19.17 -52.68
C LEU A 456 15.20 -18.73 -54.12
N PRO A 457 14.13 -18.25 -54.79
CA PRO A 457 14.20 -17.76 -56.17
C PRO A 457 15.46 -16.92 -56.49
N ILE A 458 15.77 -16.82 -57.79
CA ILE A 458 17.02 -16.20 -58.26
C ILE A 458 18.18 -16.98 -57.60
N PRO A 459 18.71 -18.04 -58.26
CA PRO A 459 19.99 -18.66 -57.80
C PRO A 459 21.19 -17.69 -57.93
N LEU A 460 20.97 -16.71 -58.81
CA LEU A 460 21.61 -15.36 -58.86
C LEU A 460 21.10 -14.41 -57.73
N LYS A 461 20.42 -14.93 -56.70
CA LYS A 461 20.21 -14.18 -55.46
C LYS A 461 21.49 -14.39 -54.70
N LYS A 462 22.58 -14.09 -55.38
CA LYS A 462 23.84 -13.73 -54.80
C LYS A 462 23.90 -12.22 -55.05
N LEU A 463 22.70 -11.61 -55.08
CA LEU A 463 22.45 -10.31 -54.41
C LEU A 463 22.97 -10.42 -52.95
N PHE A 464 22.62 -11.51 -52.27
CA PHE A 464 23.30 -11.86 -50.99
C PHE A 464 24.26 -13.04 -51.15
N PRO A 465 25.59 -12.77 -51.07
CA PRO A 465 26.52 -13.91 -50.97
C PRO A 465 26.08 -14.91 -49.87
N SER A 466 26.46 -14.73 -48.61
CA SER A 466 26.17 -15.73 -47.56
C SER A 466 25.18 -15.20 -46.53
N ILE A 467 23.95 -14.99 -47.02
CA ILE A 467 22.76 -14.85 -46.20
C ILE A 467 22.87 -15.41 -44.76
N ILE A 468 21.94 -14.92 -43.93
CA ILE A 468 21.59 -15.56 -42.68
C ILE A 468 20.35 -16.42 -42.96
N SER A 469 20.69 -17.64 -43.35
CA SER A 469 19.73 -18.62 -43.71
C SER A 469 19.43 -19.28 -42.40
N ILE A 470 18.16 -19.19 -41.99
CA ILE A 470 17.67 -19.96 -40.87
C ILE A 470 16.54 -20.86 -41.35
N THR A 471 16.82 -22.16 -41.37
CA THR A 471 15.84 -23.09 -41.85
C THR A 471 15.29 -23.91 -40.68
N TRP A 472 13.96 -23.95 -40.61
CA TRP A 472 13.16 -24.68 -39.61
C TRP A 472 12.73 -26.07 -40.08
N PRO A 473 13.01 -27.12 -39.28
CA PRO A 473 12.31 -28.40 -39.41
C PRO A 473 10.83 -28.28 -39.84
N LEU A 474 10.24 -29.37 -40.36
CA LEU A 474 8.79 -29.49 -40.36
C LEU A 474 8.39 -29.77 -38.91
N LEU A 475 7.19 -29.30 -38.52
CA LEU A 475 6.61 -29.64 -37.22
C LEU A 475 5.09 -29.69 -37.38
N PHE A 476 4.42 -30.42 -36.49
CA PHE A 476 2.95 -30.50 -36.46
C PHE A 476 2.35 -29.14 -36.18
N PHE A 477 1.21 -28.84 -36.80
CA PHE A 477 0.44 -27.65 -36.49
C PHE A 477 -0.97 -27.82 -37.04
N GLU A 478 -1.96 -27.73 -36.18
CA GLU A 478 -3.33 -27.81 -36.64
C GLU A 478 -3.92 -26.41 -36.88
N TYR A 479 -3.43 -25.38 -36.20
CA TYR A 479 -4.05 -24.06 -36.35
C TYR A 479 -3.67 -23.34 -37.62
N GLU A 480 -4.54 -22.37 -37.89
CA GLU A 480 -4.76 -21.78 -39.20
C GLU A 480 -3.48 -21.18 -39.83
N GLY A 481 -2.99 -20.06 -39.28
CA GLY A 481 -1.76 -19.39 -39.78
C GLY A 481 -0.41 -19.93 -39.25
N ASN A 482 -0.43 -21.18 -38.76
CA ASN A 482 0.75 -21.90 -38.16
C ASN A 482 1.44 -21.09 -37.00
N PHE A 483 0.73 -20.93 -35.89
CA PHE A 483 1.14 -19.95 -34.91
C PHE A 483 2.51 -20.25 -34.30
N ILE A 484 2.81 -21.53 -34.09
CA ILE A 484 4.09 -21.93 -33.52
C ILE A 484 5.28 -21.63 -34.45
N GLN A 485 5.07 -21.65 -35.76
CA GLN A 485 6.14 -21.23 -36.69
C GLN A 485 6.33 -19.72 -36.60
N LYS A 486 5.25 -18.98 -36.35
CA LYS A 486 5.36 -17.51 -36.25
C LYS A 486 6.22 -17.18 -35.02
N PHE A 487 5.78 -17.73 -33.89
CA PHE A 487 6.42 -17.48 -32.59
C PHE A 487 7.89 -17.82 -32.62
N GLN A 488 8.25 -18.96 -33.17
CA GLN A 488 9.68 -19.32 -33.42
C GLN A 488 10.44 -18.28 -34.16
N ARG A 489 9.80 -17.77 -35.20
CA ARG A 489 10.51 -16.93 -36.14
C ARG A 489 10.75 -15.51 -35.56
N GLU A 490 9.66 -14.93 -35.10
CA GLU A 490 9.70 -13.70 -34.31
C GLU A 490 10.79 -13.81 -33.22
N LEU A 491 10.75 -14.84 -32.40
CA LEU A 491 11.79 -14.94 -31.33
C LEU A 491 13.21 -14.99 -31.92
N SER A 492 13.41 -15.78 -32.98
CA SER A 492 14.76 -15.95 -33.53
C SER A 492 15.23 -14.59 -34.10
N THR A 493 14.32 -13.89 -34.79
CA THR A 493 14.65 -12.54 -35.30
C THR A 493 14.99 -11.59 -34.13
N LYS A 494 14.10 -11.56 -33.13
CA LYS A 494 14.37 -10.74 -31.91
C LYS A 494 15.76 -11.00 -31.40
N TRP A 495 16.10 -12.28 -31.25
CA TRP A 495 17.44 -12.61 -30.76
C TRP A 495 18.54 -12.08 -31.64
N VAL A 496 18.34 -12.17 -32.95
CA VAL A 496 19.39 -11.70 -33.84
C VAL A 496 19.54 -10.20 -33.80
N LEU A 497 18.45 -9.51 -34.00
CA LEU A 497 18.50 -8.05 -34.00
C LEU A 497 19.04 -7.51 -32.66
N ASN A 498 18.52 -8.01 -31.51
CA ASN A 498 19.03 -7.58 -30.19
C ASN A 498 20.54 -7.77 -30.05
N THR A 499 21.04 -8.94 -30.44
CA THR A 499 22.45 -9.23 -30.27
C THR A 499 23.26 -8.35 -31.19
N VAL A 500 22.66 -8.04 -32.32
CA VAL A 500 23.30 -7.22 -33.32
C VAL A 500 23.35 -5.78 -32.84
N SER A 501 22.17 -5.22 -32.56
CA SER A 501 22.09 -3.82 -32.16
C SER A 501 22.98 -3.63 -30.97
N THR A 502 22.97 -4.62 -30.05
CA THR A 502 23.64 -4.41 -28.78
C THR A 502 25.12 -4.53 -28.99
N GLY A 503 25.53 -5.55 -29.73
CA GLY A 503 26.98 -5.71 -30.01
C GLY A 503 27.58 -4.54 -30.75
N ALA A 504 26.89 -4.06 -31.77
CA ALA A 504 27.40 -2.91 -32.56
C ALA A 504 27.84 -1.77 -31.61
N HIS A 505 26.98 -1.41 -30.65
CA HIS A 505 27.28 -0.31 -29.74
C HIS A 505 28.39 -0.67 -28.76
N VAL A 506 28.47 -1.93 -28.34
CA VAL A 506 29.51 -2.33 -27.41
C VAL A 506 30.87 -2.12 -28.07
N LEU A 507 30.94 -2.58 -29.33
CA LEU A 507 32.15 -2.51 -30.12
C LEU A 507 32.65 -1.07 -30.25
N LEU A 508 31.71 -0.12 -30.33
CA LEU A 508 32.02 1.31 -30.38
C LEU A 508 32.50 1.89 -29.09
N GLY A 509 32.70 1.07 -28.06
CA GLY A 509 33.32 1.51 -26.77
C GLY A 509 32.38 2.21 -25.78
N LYS A 510 31.08 2.20 -26.07
CA LYS A 510 30.08 2.95 -25.27
C LYS A 510 29.56 2.27 -23.99
N ILE A 511 30.06 1.07 -23.68
CA ILE A 511 29.57 0.24 -22.57
C ILE A 511 30.76 0.06 -21.65
N LEU A 512 30.51 0.19 -20.35
CA LEU A 512 31.58 0.12 -19.39
C LEU A 512 31.45 -1.20 -18.63
N GLN A 513 32.41 -2.09 -18.86
CA GLN A 513 32.32 -3.49 -18.48
C GLN A 513 31.07 -4.15 -19.08
N ASN A 514 30.02 -4.31 -18.29
CA ASN A 514 28.72 -4.71 -18.81
C ASN A 514 27.60 -3.80 -18.35
N HIS A 515 27.95 -2.52 -18.20
CA HIS A 515 27.03 -1.48 -17.75
C HIS A 515 27.01 -0.33 -18.79
N MET A 516 25.81 0.22 -19.02
CA MET A 516 25.68 1.47 -19.72
C MET A 516 25.66 2.60 -18.67
N LEU A 517 26.84 3.12 -18.39
CA LEU A 517 27.03 4.21 -17.44
C LEU A 517 26.30 5.49 -17.82
N ASP A 518 26.43 5.85 -19.08
CA ASP A 518 26.02 7.17 -19.60
C ASP A 518 24.64 7.09 -20.17
N LEU A 519 23.70 6.65 -19.35
CA LEU A 519 22.31 6.60 -19.79
C LEU A 519 21.59 7.87 -19.46
N ARG A 520 20.41 8.01 -20.05
CA ARG A 520 19.53 9.14 -19.79
C ARG A 520 18.56 8.79 -18.73
N ILE A 521 18.58 9.53 -17.64
CA ILE A 521 17.65 9.28 -16.55
C ILE A 521 16.25 9.75 -16.95
N SER A 522 15.38 8.83 -17.36
CA SER A 522 14.03 9.25 -17.81
C SER A 522 12.87 8.62 -17.07
N ASN A 523 13.23 7.84 -16.05
CA ASN A 523 12.23 7.31 -15.14
C ASN A 523 12.90 7.00 -13.82
N SER A 524 12.10 6.82 -12.79
CA SER A 524 12.61 6.58 -11.44
C SER A 524 13.60 5.37 -11.42
N LYS A 525 13.23 4.30 -12.13
CA LYS A 525 14.10 3.12 -12.16
C LYS A 525 15.53 3.43 -12.69
N LEU A 526 15.58 4.22 -13.75
CA LEU A 526 16.83 4.64 -14.35
C LEU A 526 17.61 5.57 -13.38
N PHE A 527 16.87 6.34 -12.60
CA PHE A 527 17.50 7.16 -11.61
C PHE A 527 18.13 6.28 -10.53
N TRP A 528 17.47 5.20 -10.09
CA TRP A 528 18.11 4.30 -9.09
C TRP A 528 19.27 3.57 -9.72
N ARG A 529 19.16 3.22 -11.01
CA ARG A 529 20.26 2.53 -11.68
C ARG A 529 21.49 3.46 -11.73
N ALA A 530 21.24 4.72 -12.01
CA ALA A 530 22.34 5.68 -12.03
C ALA A 530 23.02 5.75 -10.67
N LEU A 531 22.23 5.97 -9.64
CA LEU A 531 22.78 6.06 -8.28
C LEU A 531 23.59 4.77 -7.92
N ALA A 532 23.00 3.62 -8.20
CA ALA A 532 23.74 2.36 -8.05
C ALA A 532 25.09 2.31 -8.78
N MET A 533 25.11 2.78 -10.02
CA MET A 533 26.37 2.74 -10.77
C MET A 533 27.38 3.72 -10.16
N LEU A 534 26.90 4.86 -9.67
CA LEU A 534 27.81 5.79 -8.98
C LEU A 534 28.46 5.11 -7.77
N GLN A 535 27.68 4.44 -6.93
CA GLN A 535 28.28 3.73 -5.78
C GLN A 535 29.30 2.67 -6.22
N ARG A 536 28.95 1.85 -7.22
CA ARG A 536 29.75 0.71 -7.60
C ARG A 536 31.12 1.16 -8.13
N PHE A 537 31.11 2.09 -9.07
CA PHE A 537 32.32 2.56 -9.71
C PHE A 537 33.14 3.52 -8.89
N SER A 538 32.54 4.27 -7.96
CA SER A 538 33.32 5.21 -7.10
C SER A 538 33.77 4.54 -5.80
N GLY A 539 32.95 3.64 -5.28
CA GLY A 539 33.22 2.99 -4.01
C GLY A 539 32.90 3.91 -2.86
N GLN A 540 32.33 5.08 -3.14
CA GLN A 540 32.11 6.09 -2.09
C GLN A 540 30.74 6.02 -1.45
N SER A 541 30.53 6.85 -0.42
CA SER A 541 29.38 6.63 0.42
C SER A 541 28.08 6.88 -0.36
N LYS A 542 26.99 6.40 0.20
CA LYS A 542 25.68 6.60 -0.38
C LYS A 542 25.33 8.08 -0.44
N ALA A 543 25.74 8.79 0.60
CA ALA A 543 25.44 10.20 0.77
C ALA A 543 26.18 11.08 -0.27
N ARG A 544 27.44 10.73 -0.53
CA ARG A 544 28.23 11.43 -1.52
C ARG A 544 27.73 11.11 -2.92
N CYS A 545 27.37 9.87 -3.16
CA CYS A 545 26.93 9.51 -4.48
C CYS A 545 25.68 10.28 -4.77
N ILE A 546 24.73 10.25 -3.85
CA ILE A 546 23.48 10.99 -4.01
C ILE A 546 23.71 12.46 -4.23
N GLU A 547 24.66 13.01 -3.49
CA GLU A 547 24.95 14.45 -3.63
C GLU A 547 25.59 14.75 -4.95
N SER A 548 26.55 13.95 -5.35
CA SER A 548 27.13 14.20 -6.66
C SER A 548 26.04 14.13 -7.81
N LEU A 549 25.10 13.20 -7.70
CA LEU A 549 24.07 13.03 -8.71
C LEU A 549 23.11 14.20 -8.77
N LEU A 550 22.57 14.56 -7.61
CA LEU A 550 21.65 15.69 -7.55
C LEU A 550 22.28 17.01 -7.99
N ARG A 551 23.54 17.25 -7.64
CA ARG A 551 24.25 18.45 -8.11
C ARG A 551 24.40 18.43 -9.65
N ALA A 552 24.84 17.27 -10.16
CA ALA A 552 25.00 17.06 -11.58
C ALA A 552 23.71 17.32 -12.32
N ILE A 553 22.61 16.79 -11.79
CA ILE A 553 21.30 17.03 -12.39
C ILE A 553 20.88 18.49 -12.35
N HIS A 554 20.98 19.13 -11.20
CA HIS A 554 20.39 20.44 -11.08
C HIS A 554 21.35 21.58 -11.30
N PHE A 555 22.63 21.30 -11.50
CA PHE A 555 23.62 22.36 -11.78
C PHE A 555 23.01 23.14 -12.91
N PRO A 556 23.11 24.49 -12.88
CA PRO A 556 23.82 25.43 -11.98
C PRO A 556 23.19 25.74 -10.59
N GLN A 557 21.97 25.23 -10.30
CA GLN A 557 21.36 25.44 -8.99
C GLN A 557 22.06 24.59 -7.96
N PRO A 558 22.44 25.19 -6.82
CA PRO A 558 23.01 24.41 -5.72
C PRO A 558 21.99 23.51 -5.05
N LEU A 559 22.47 22.53 -4.30
CA LEU A 559 21.63 21.74 -3.40
C LEU A 559 20.91 22.52 -2.31
N SER A 560 19.59 22.56 -2.37
CA SER A 560 18.79 23.14 -1.31
C SER A 560 18.08 22.03 -0.60
N ASP A 561 17.35 22.36 0.44
CA ASP A 561 16.60 21.37 1.19
C ASP A 561 15.37 20.91 0.37
N ASP A 562 14.75 21.82 -0.41
CA ASP A 562 13.62 21.45 -1.26
C ASP A 562 14.11 20.38 -2.25
N ILE A 563 15.25 20.64 -2.91
CA ILE A 563 15.81 19.74 -3.91
C ILE A 563 16.16 18.46 -3.26
N ARG A 564 16.79 18.47 -2.10
CA ARG A 564 17.09 17.18 -1.44
C ARG A 564 15.86 16.30 -1.20
N ALA A 565 14.75 16.96 -0.89
CA ALA A 565 13.54 16.31 -0.45
C ALA A 565 12.54 16.18 -1.57
N ALA A 566 12.88 16.62 -2.77
CA ALA A 566 11.94 16.51 -3.88
C ALA A 566 11.57 15.05 -4.17
N PRO A 567 10.38 14.82 -4.75
CA PRO A 567 10.06 13.50 -5.25
C PRO A 567 11.00 13.17 -6.41
N ILE A 568 11.23 11.89 -6.62
CA ILE A 568 12.26 11.51 -7.55
C ILE A 568 11.87 12.00 -8.95
N SER A 569 10.56 12.11 -9.21
CA SER A 569 10.06 12.65 -10.49
C SER A 569 10.55 14.05 -10.84
N CYS A 570 10.88 14.87 -9.84
CA CYS A 570 11.46 16.18 -10.13
C CYS A 570 12.92 15.99 -10.64
N HIS A 571 13.67 15.07 -10.07
CA HIS A 571 15.02 14.90 -10.59
C HIS A 571 14.99 14.35 -11.99
N VAL A 572 14.20 13.31 -12.18
CA VAL A 572 13.98 12.74 -13.48
C VAL A 572 13.59 13.81 -14.54
N GLN A 573 12.60 14.65 -14.26
CA GLN A 573 12.21 15.61 -15.26
C GLN A 573 13.32 16.59 -15.65
N VAL A 574 14.24 16.90 -14.73
CA VAL A 574 15.36 17.78 -15.05
C VAL A 574 16.48 16.99 -15.71
N ALA A 575 16.84 15.83 -15.19
CA ALA A 575 17.93 15.00 -15.84
C ALA A 575 17.58 14.56 -17.25
N HIS A 576 16.33 14.20 -17.47
CA HIS A 576 15.92 13.70 -18.77
C HIS A 576 16.37 14.62 -19.89
N GLU A 577 16.50 15.90 -19.55
CA GLU A 577 16.81 16.94 -20.48
C GLU A 577 18.29 17.15 -20.66
N LYS A 578 19.15 16.49 -19.92
CA LYS A 578 20.56 16.80 -20.04
C LYS A 578 21.39 15.67 -20.67
N GLU A 579 22.67 15.94 -20.84
CA GLU A 579 23.65 15.07 -21.45
C GLU A 579 24.74 14.75 -20.43
N GLN A 580 25.25 13.52 -20.43
CA GLN A 580 26.39 13.19 -19.61
C GLN A 580 26.15 13.49 -18.09
N VAL A 581 24.91 13.57 -17.64
CA VAL A 581 24.66 13.67 -16.23
C VAL A 581 25.52 12.69 -15.43
N ILE A 582 25.45 11.41 -15.75
CA ILE A 582 26.08 10.43 -14.89
C ILE A 582 27.56 10.45 -14.93
N PRO A 583 28.14 10.51 -16.11
CA PRO A 583 29.60 10.66 -16.14
C PRO A 583 30.12 11.92 -15.37
N ILE A 584 29.50 13.07 -15.54
CA ILE A 584 29.86 14.29 -14.76
C ILE A 584 29.84 13.98 -13.24
N ALA A 585 28.76 13.35 -12.81
CA ALA A 585 28.60 13.04 -11.38
C ALA A 585 29.71 12.07 -10.91
N LEU A 586 30.13 11.17 -11.76
CA LEU A 586 31.11 10.21 -11.35
C LEU A 586 32.46 10.88 -11.28
N LEU A 587 32.77 11.70 -12.29
CA LEU A 587 34.03 12.45 -12.25
C LEU A 587 34.12 13.33 -10.99
N SER A 588 33.08 14.10 -10.72
CA SER A 588 33.11 14.93 -9.54
C SER A 588 33.55 14.12 -8.31
N LEU A 589 33.06 12.89 -8.18
CA LEU A 589 33.38 12.02 -7.05
C LEU A 589 34.80 11.48 -7.08
N LEU A 590 35.22 10.91 -8.21
CA LEU A 590 36.57 10.31 -8.35
C LEU A 590 37.67 11.33 -8.07
N PHE A 591 37.56 12.48 -8.72
CA PHE A 591 38.46 13.62 -8.54
C PHE A 591 38.21 14.42 -7.25
N ARG A 592 37.16 14.07 -6.51
CA ARG A 592 36.69 14.81 -5.32
C ARG A 592 36.69 16.25 -5.62
N CYS A 593 35.84 16.67 -6.56
CA CYS A 593 35.84 18.05 -7.10
C CYS A 593 34.46 18.53 -7.45
N SER A 594 34.35 19.80 -7.80
CA SER A 594 33.05 20.43 -8.06
C SER A 594 32.49 20.05 -9.44
N ILE A 595 31.20 20.32 -9.67
CA ILE A 595 30.59 20.09 -10.97
C ILE A 595 31.21 21.05 -12.03
N THR A 596 31.63 22.23 -11.59
CA THR A 596 32.26 23.17 -12.48
C THR A 596 33.62 22.60 -12.92
N GLU A 597 34.32 21.95 -12.00
CA GLU A 597 35.61 21.34 -12.31
C GLU A 597 35.48 20.06 -13.19
N ALA A 598 34.45 19.26 -12.98
CA ALA A 598 34.33 18.03 -13.68
C ALA A 598 33.78 18.26 -15.08
N GLN A 599 32.85 19.19 -15.25
CA GLN A 599 32.43 19.61 -16.62
C GLN A 599 33.56 20.16 -17.48
N ALA A 600 34.46 20.92 -16.86
CA ALA A 600 35.57 21.53 -17.55
C ALA A 600 36.60 20.47 -17.95
N HIS A 601 36.82 19.49 -17.08
CA HIS A 601 37.68 18.34 -17.39
C HIS A 601 37.07 17.53 -18.51
N LEU A 602 35.79 17.25 -18.38
CA LEU A 602 35.12 16.45 -19.36
C LEU A 602 35.29 17.08 -20.75
N ALA A 603 34.91 18.35 -20.87
CA ALA A 603 35.05 19.10 -22.12
C ALA A 603 36.49 19.22 -22.61
N ALA A 604 37.47 18.95 -21.76
CA ALA A 604 38.87 19.01 -22.17
C ALA A 604 39.39 17.64 -22.59
N ALA A 605 38.74 16.56 -22.19
CA ALA A 605 39.14 15.24 -22.63
C ALA A 605 38.66 14.98 -24.10
N PRO A 606 39.33 14.07 -24.81
CA PRO A 606 38.91 13.67 -26.17
C PRO A 606 37.47 13.14 -26.27
N SER A 607 37.04 12.34 -25.30
CA SER A 607 35.70 11.77 -25.35
C SER A 607 35.24 11.39 -23.95
N VAL A 608 33.93 11.45 -23.76
CA VAL A 608 33.32 10.95 -22.52
C VAL A 608 33.99 9.64 -22.05
N CYS A 609 33.99 8.61 -22.92
CA CYS A 609 34.46 7.24 -22.55
C CYS A 609 35.90 7.26 -22.11
N GLU A 610 36.67 8.15 -22.71
CA GLU A 610 38.07 8.24 -22.42
C GLU A 610 38.24 9.00 -21.12
N ALA A 611 37.52 10.11 -21.00
CA ALA A 611 37.49 10.84 -19.73
C ALA A 611 37.24 9.91 -18.53
N VAL A 612 36.23 9.04 -18.65
CA VAL A 612 35.77 8.20 -17.53
C VAL A 612 36.72 7.07 -17.27
N ARG A 613 37.06 6.32 -18.30
CA ARG A 613 37.91 5.13 -18.10
C ARG A 613 39.31 5.47 -17.58
N SER A 614 39.82 6.61 -18.02
CA SER A 614 41.12 7.02 -17.60
C SER A 614 40.99 7.64 -16.20
N ALA A 615 39.90 8.35 -15.91
CA ALA A 615 39.65 8.73 -14.48
C ALA A 615 39.44 7.50 -13.56
N LEU A 616 38.77 6.47 -14.06
CA LEU A 616 38.68 5.25 -13.28
C LEU A 616 40.05 4.59 -13.07
N ALA A 617 41.03 4.86 -13.93
CA ALA A 617 42.30 4.08 -13.91
C ALA A 617 43.23 4.22 -12.67
N MET B 12 10.43 -20.12 7.93
CA MET B 12 9.43 -20.76 8.84
C MET B 12 8.03 -20.27 8.42
N PRO B 13 6.96 -21.06 8.67
CA PRO B 13 5.63 -20.52 8.35
C PRO B 13 5.11 -19.60 9.48
N GLY B 14 4.53 -18.46 9.11
CA GLY B 14 4.13 -17.45 10.07
C GLY B 14 5.12 -16.31 10.15
N THR B 15 6.33 -16.48 9.62
CA THR B 15 7.32 -15.40 9.74
C THR B 15 6.84 -14.07 9.19
N LYS B 16 6.13 -14.07 8.06
CA LYS B 16 5.62 -12.81 7.52
C LYS B 16 4.47 -12.22 8.36
N ARG B 17 3.55 -13.04 8.84
CA ARG B 17 2.44 -12.52 9.66
C ARG B 17 2.99 -11.81 10.88
N PHE B 18 4.17 -12.22 11.36
CA PHE B 18 4.70 -11.84 12.68
C PHE B 18 5.98 -11.01 12.63
N GLN B 19 6.40 -10.58 11.45
CA GLN B 19 7.67 -9.88 11.30
C GLN B 19 7.66 -8.47 11.84
N HIS B 20 6.55 -7.77 11.70
CA HIS B 20 6.52 -6.45 12.30
C HIS B 20 6.77 -6.50 13.83
N VAL B 21 6.55 -7.66 14.48
CA VAL B 21 6.62 -7.73 15.93
C VAL B 21 8.05 -7.73 16.36
N ILE B 22 8.39 -6.88 17.30
CA ILE B 22 9.75 -6.70 17.78
C ILE B 22 9.98 -7.70 18.89
N GLU B 23 11.22 -8.21 18.99
CA GLU B 23 11.61 -9.22 20.00
C GLU B 23 11.50 -8.66 21.42
N THR B 24 11.28 -9.54 22.35
CA THR B 24 11.11 -9.17 23.69
C THR B 24 12.48 -8.77 24.20
N PRO B 25 12.62 -7.55 24.75
CA PRO B 25 13.89 -7.15 25.34
C PRO B 25 14.22 -8.05 26.51
N GLU B 26 15.45 -7.98 27.03
CA GLU B 26 15.74 -8.77 28.22
C GLU B 26 15.67 -7.88 29.41
N PRO B 27 15.65 -8.47 30.62
CA PRO B 27 15.33 -7.70 31.82
C PRO B 27 16.10 -6.38 31.93
N GLY B 28 15.42 -5.33 32.37
CA GLY B 28 16.05 -4.04 32.45
C GLY B 28 16.65 -3.57 31.15
N LYS B 29 16.25 -4.15 30.02
CA LYS B 29 16.72 -3.57 28.75
C LYS B 29 15.61 -2.97 27.92
N TRP B 30 14.41 -2.77 28.47
CA TRP B 30 13.28 -2.40 27.60
C TRP B 30 13.57 -1.05 26.88
N GLU B 31 14.03 -0.11 27.69
CA GLU B 31 14.60 1.16 27.24
C GLU B 31 15.66 1.10 26.14
N LEU B 32 16.80 0.48 26.46
CA LEU B 32 18.03 0.45 25.59
C LEU B 32 17.83 -0.33 24.25
N SER B 33 16.98 -1.34 24.27
CA SER B 33 16.56 -2.05 23.06
C SER B 33 15.71 -1.17 22.11
N GLY B 34 14.94 -0.21 22.63
CA GLY B 34 14.07 0.60 21.78
C GLY B 34 12.80 -0.10 21.31
N TYR B 35 12.47 -1.21 21.93
CA TYR B 35 11.15 -1.79 21.86
C TYR B 35 10.14 -0.73 22.31
N GLU B 36 10.44 -0.01 23.40
CA GLU B 36 9.54 1.04 23.94
C GLU B 36 9.36 2.21 23.03
N ALA B 37 10.48 2.65 22.43
CA ALA B 37 10.45 3.75 21.45
C ALA B 37 9.43 3.41 20.37
N ALA B 38 9.35 2.14 20.03
CA ALA B 38 8.46 1.67 18.97
C ALA B 38 6.98 1.43 19.43
N VAL B 39 6.71 1.49 20.73
CA VAL B 39 5.33 1.29 21.16
C VAL B 39 4.64 2.61 20.94
N PRO B 40 3.47 2.60 20.27
CA PRO B 40 2.79 3.86 19.98
C PRO B 40 2.27 4.58 21.23
N ILE B 41 2.26 5.91 21.19
CA ILE B 41 1.79 6.68 22.39
C ILE B 41 0.43 6.12 22.84
N THR B 42 -0.46 5.86 21.89
CA THR B 42 -1.80 5.42 22.24
C THR B 42 -1.80 4.08 22.94
N GLU B 43 -0.72 3.31 22.78
CA GLU B 43 -0.63 1.99 23.43
C GLU B 43 0.21 1.95 24.68
N LYS B 44 0.97 2.97 24.98
CA LYS B 44 1.91 2.81 26.09
C LYS B 44 1.14 2.73 27.40
N SER B 45 1.84 2.24 28.44
CA SER B 45 1.45 2.36 29.85
C SER B 45 1.62 3.82 30.23
N ASN B 46 0.66 4.40 30.92
CA ASN B 46 0.84 5.76 31.39
C ASN B 46 1.58 5.68 32.73
N PRO B 47 2.75 6.29 32.83
CA PRO B 47 3.45 6.16 34.14
C PRO B 47 2.63 6.71 35.35
N LEU B 48 1.80 7.71 35.15
CA LEU B 48 0.91 8.11 36.24
C LEU B 48 0.11 6.93 36.81
N THR B 49 -0.29 5.97 35.97
CA THR B 49 -1.24 4.97 36.39
C THR B 49 -0.62 3.59 36.61
N GLN B 50 0.69 3.56 36.63
CA GLN B 50 1.43 2.33 36.97
C GLN B 50 0.83 1.49 38.12
N ASP B 51 0.37 2.14 39.18
CA ASP B 51 -0.17 1.40 40.32
C ASP B 51 -1.66 1.68 40.48
N LEU B 52 -2.38 1.77 39.37
CA LEU B 52 -3.79 2.03 39.44
C LEU B 52 -4.56 0.91 40.14
N ASP B 53 -4.08 -0.33 40.00
CA ASP B 53 -4.67 -1.49 40.65
C ASP B 53 -4.45 -1.48 42.18
N LYS B 54 -3.72 -0.49 42.71
CA LYS B 54 -3.55 -0.36 44.16
C LYS B 54 -4.17 0.90 44.72
N ALA B 55 -4.85 1.68 43.89
CA ALA B 55 -5.31 2.97 44.29
C ALA B 55 -6.76 2.86 44.74
N ASP B 56 -7.08 3.61 45.78
CA ASP B 56 -8.45 3.78 46.26
C ASP B 56 -9.24 4.68 45.31
N ALA B 57 -10.55 4.79 45.50
CA ALA B 57 -11.40 5.50 44.55
C ALA B 57 -10.99 6.94 44.39
N GLU B 58 -10.67 7.63 45.48
CA GLU B 58 -10.39 9.07 45.35
C GLU B 58 -9.05 9.25 44.57
N ASN B 59 -8.08 8.36 44.78
CA ASN B 59 -6.90 8.34 43.97
C ASN B 59 -7.13 7.99 42.48
N ILE B 60 -7.96 6.99 42.21
CA ILE B 60 -8.34 6.71 40.83
C ILE B 60 -8.88 7.93 40.12
N VAL B 61 -9.78 8.64 40.75
CA VAL B 61 -10.31 9.91 40.18
C VAL B 61 -9.17 10.96 39.96
N ARG B 62 -8.28 11.06 40.96
CA ARG B 62 -7.19 12.02 40.89
C ARG B 62 -6.37 11.67 39.64
N LEU B 63 -5.96 10.43 39.52
CA LEU B 63 -5.02 10.03 38.46
C LEU B 63 -5.65 10.18 37.07
N LEU B 64 -6.87 9.68 36.91
CA LEU B 64 -7.51 9.79 35.59
C LEU B 64 -7.74 11.21 35.23
N GLY B 65 -8.13 11.99 36.24
CA GLY B 65 -8.20 13.42 36.06
C GLY B 65 -6.91 14.00 35.48
N GLN B 66 -5.78 13.65 36.06
CA GLN B 66 -4.48 14.10 35.52
C GLN B 66 -4.26 13.59 34.08
N CYS B 67 -4.60 12.31 33.82
CA CYS B 67 -4.45 11.74 32.46
C CYS B 67 -5.22 12.55 31.45
N ASP B 68 -6.45 12.91 31.78
CA ASP B 68 -7.29 13.74 30.90
C ASP B 68 -6.73 15.13 30.72
N ALA B 69 -6.17 15.69 31.80
CA ALA B 69 -5.58 17.03 31.70
C ALA B 69 -4.46 17.04 30.68
N GLU B 70 -3.83 15.87 30.43
CA GLU B 70 -2.73 15.74 29.47
C GLU B 70 -3.12 16.16 28.05
N ILE B 71 -4.41 16.08 27.75
CA ILE B 71 -4.90 16.50 26.47
C ILE B 71 -4.48 17.92 26.12
N PHE B 72 -4.49 18.82 27.13
CA PHE B 72 -4.32 20.29 26.94
C PHE B 72 -2.94 20.79 27.36
N GLN B 73 -2.16 19.91 27.96
CA GLN B 73 -0.76 20.15 28.22
C GLN B 73 0.12 20.56 27.00
N GLU B 74 0.86 21.67 27.12
CA GLU B 74 1.66 22.18 25.99
C GLU B 74 2.94 21.41 25.80
N GLU B 75 3.49 21.57 24.60
CA GLU B 75 4.75 20.97 24.18
C GLU B 75 5.90 21.55 25.01
N GLY B 76 6.89 20.72 25.37
CA GLY B 76 8.11 21.19 26.05
C GLY B 76 9.32 21.37 25.12
N GLN B 77 10.52 20.95 25.60
CA GLN B 77 11.80 21.07 24.87
C GLN B 77 12.82 20.00 25.30
N SER B 80 12.99 16.70 20.45
CA SER B 80 12.85 15.74 21.54
C SER B 80 11.40 15.31 21.79
N THR B 81 10.47 16.18 21.41
CA THR B 81 9.14 16.20 21.97
C THR B 81 8.13 16.13 20.80
N TYR B 82 6.93 15.58 21.01
CA TYR B 82 5.92 15.64 19.92
C TYR B 82 4.98 16.83 19.96
N GLN B 83 4.42 17.06 18.81
CA GLN B 83 3.49 18.14 18.59
C GLN B 83 2.23 17.87 19.42
N ARG B 84 1.66 18.92 20.02
CA ARG B 84 0.53 18.80 20.95
C ARG B 84 -0.61 19.70 20.54
N LEU B 85 -1.71 19.64 21.29
CA LEU B 85 -2.95 20.34 20.92
C LEU B 85 -2.79 21.83 20.59
N TYR B 86 -2.06 22.51 21.48
CA TYR B 86 -1.80 23.95 21.39
C TYR B 86 -0.58 24.33 20.54
N SER B 87 0.14 23.34 20.03
CA SER B 87 1.28 23.62 19.18
C SER B 87 0.79 24.25 17.91
N GLU B 88 1.57 25.22 17.46
CA GLU B 88 1.26 26.09 16.33
C GLU B 88 1.05 25.34 15.01
N SER B 89 1.80 24.25 14.79
CA SER B 89 1.52 23.45 13.61
C SER B 89 0.12 22.81 13.72
N ILE B 90 -0.27 22.35 14.91
CA ILE B 90 -1.61 21.74 15.06
C ILE B 90 -2.76 22.78 14.88
N LEU B 91 -2.67 23.90 15.60
CA LEU B 91 -3.63 25.02 15.43
C LEU B 91 -3.62 25.51 13.99
N THR B 92 -2.48 25.59 13.36
CA THR B 92 -2.50 25.89 11.89
C THR B 92 -3.30 24.84 11.06
N THR B 93 -3.02 23.58 11.26
CA THR B 93 -3.81 22.59 10.54
C THR B 93 -5.30 22.73 10.77
N MET B 94 -5.72 23.02 12.01
CA MET B 94 -7.15 23.14 12.34
C MET B 94 -7.74 24.26 11.53
N VAL B 95 -7.00 25.35 11.38
CA VAL B 95 -7.58 26.53 10.77
C VAL B 95 -7.69 26.29 9.27
N GLN B 96 -6.70 25.63 8.68
CA GLN B 96 -6.76 25.35 7.22
C GLN B 96 -7.92 24.39 6.90
N VAL B 97 -8.10 23.38 7.76
CA VAL B 97 -9.23 22.47 7.60
C VAL B 97 -10.62 23.16 7.78
N ALA B 98 -10.76 23.97 8.83
CA ALA B 98 -11.96 24.84 9.02
C ALA B 98 -12.24 25.64 7.76
N GLY B 99 -11.17 26.21 7.23
CA GLY B 99 -11.19 26.89 5.95
C GLY B 99 -11.73 26.02 4.83
N LYS B 100 -11.29 24.78 4.76
CA LYS B 100 -11.78 23.91 3.68
C LYS B 100 -13.24 23.55 3.85
N VAL B 101 -13.66 23.42 5.09
CA VAL B 101 -15.02 23.11 5.38
C VAL B 101 -15.86 24.34 5.05
N GLN B 102 -15.26 25.53 5.20
CA GLN B 102 -15.95 26.78 4.83
C GLN B 102 -16.22 26.82 3.34
N GLU B 103 -15.30 26.33 2.51
CA GLU B 103 -15.55 26.35 1.08
C GLU B 103 -16.83 25.56 0.77
N VAL B 104 -16.97 24.41 1.41
CA VAL B 104 -18.13 23.57 1.21
C VAL B 104 -19.38 24.25 1.75
N LEU B 105 -19.31 24.76 2.98
CA LEU B 105 -20.39 25.55 3.53
C LEU B 105 -20.90 26.60 2.54
N LYS B 106 -20.01 27.30 1.85
CA LYS B 106 -20.44 28.39 0.93
C LYS B 106 -21.12 27.93 -0.35
N GLU B 107 -21.03 26.64 -0.67
CA GLU B 107 -21.63 26.13 -1.88
C GLU B 107 -22.06 24.73 -1.65
N PRO B 108 -23.21 24.55 -0.95
CA PRO B 108 -23.73 23.22 -0.56
C PRO B 108 -24.22 22.28 -1.65
N ASP B 109 -24.52 22.75 -2.86
CA ASP B 109 -25.02 21.82 -3.89
C ASP B 109 -23.93 20.82 -4.23
N GLY B 110 -24.19 19.57 -3.86
CA GLY B 110 -23.24 18.49 -4.09
C GLY B 110 -22.14 18.36 -3.03
N GLY B 111 -22.27 19.02 -1.87
CA GLY B 111 -21.21 19.04 -0.88
C GLY B 111 -21.63 18.13 0.25
N LEU B 112 -20.68 17.49 0.90
CA LEU B 112 -21.00 16.60 2.03
C LEU B 112 -19.84 16.65 3.02
N VAL B 113 -20.11 16.52 4.29
CA VAL B 113 -18.97 16.39 5.21
C VAL B 113 -19.13 15.11 5.96
N VAL B 114 -18.16 14.22 5.84
CA VAL B 114 -18.31 12.90 6.43
C VAL B 114 -17.40 12.75 7.65
N LEU B 115 -17.92 12.26 8.75
CA LEU B 115 -17.10 11.97 9.90
C LEU B 115 -17.15 10.47 10.05
N SER B 116 -15.99 9.80 10.03
CA SER B 116 -15.90 8.32 10.01
C SER B 116 -14.93 7.66 11.00
N GLY B 117 -15.33 6.55 11.60
CA GLY B 117 -14.37 5.68 12.31
C GLY B 117 -15.00 4.46 12.93
N GLY B 118 -14.17 3.67 13.59
CA GLY B 118 -14.60 2.40 14.26
C GLY B 118 -14.77 2.60 15.77
N GLY B 119 -15.67 1.85 16.37
CA GLY B 119 -15.85 1.81 17.82
C GLY B 119 -16.15 3.23 18.30
N THR B 120 -15.48 3.66 19.38
CA THR B 120 -15.73 4.99 19.94
C THR B 120 -15.46 6.10 18.94
N SER B 121 -14.50 5.94 18.05
CA SER B 121 -14.29 7.00 17.08
C SER B 121 -15.53 7.15 16.24
N GLY B 122 -16.24 6.04 15.97
CA GLY B 122 -17.45 6.09 15.20
C GLY B 122 -18.60 6.64 16.03
N ARG B 123 -18.64 6.29 17.28
CA ARG B 123 -19.62 6.84 18.16
C ARG B 123 -19.47 8.34 18.24
N MET B 124 -18.23 8.84 18.36
CA MET B 124 -18.06 10.30 18.51
C MET B 124 -18.41 10.99 17.22
N ALA B 125 -18.24 10.29 16.12
CA ALA B 125 -18.58 10.85 14.80
C ALA B 125 -20.09 11.04 14.68
N PHE B 126 -20.81 10.11 15.26
CA PHE B 126 -22.26 10.22 15.15
C PHE B 126 -22.77 11.40 16.01
N LEU B 127 -22.35 11.53 17.24
CA LEU B 127 -22.78 12.72 17.98
C LEU B 127 -22.49 14.01 17.21
N MET B 128 -21.28 14.19 16.77
CA MET B 128 -20.92 15.43 16.16
C MET B 128 -21.71 15.68 14.90
N SER B 129 -21.97 14.64 14.09
CA SER B 129 -22.76 14.84 12.89
C SER B 129 -24.19 15.38 13.24
N VAL B 130 -24.77 14.86 14.32
CA VAL B 130 -26.07 15.29 14.80
C VAL B 130 -26.01 16.76 15.26
N SER B 131 -25.04 17.10 16.11
CA SER B 131 -24.82 18.48 16.51
C SER B 131 -24.65 19.46 15.38
N PHE B 132 -23.79 19.20 14.43
CA PHE B 132 -23.59 20.21 13.39
C PHE B 132 -24.68 20.22 12.30
N ASN B 133 -25.41 19.09 12.15
CA ASN B 133 -26.60 19.15 11.33
C ASN B 133 -27.74 19.97 12.01
N GLN B 134 -27.95 19.86 13.34
CA GLN B 134 -28.79 20.79 14.10
C GLN B 134 -28.41 22.25 13.86
N LEU B 135 -27.15 22.59 14.06
CA LEU B 135 -26.67 23.92 13.73
C LEU B 135 -27.05 24.42 12.36
N MET B 136 -26.89 23.64 11.31
CA MET B 136 -27.28 24.15 9.99
C MET B 136 -28.84 24.26 9.80
N LYS B 137 -29.60 23.39 10.47
CA LYS B 137 -31.05 23.51 10.55
C LYS B 137 -31.46 24.84 11.21
N GLY B 138 -31.02 25.08 12.44
CA GLY B 138 -31.20 26.38 13.07
C GLY B 138 -30.76 27.61 12.27
N LEU B 139 -30.30 27.45 11.04
CA LEU B 139 -30.03 28.60 10.18
C LEU B 139 -30.71 28.39 8.86
N GLY B 140 -31.72 27.52 8.85
CA GLY B 140 -32.42 27.11 7.63
C GLY B 140 -31.44 26.95 6.48
N GLN B 141 -30.49 26.04 6.68
CA GLN B 141 -29.49 25.63 5.72
C GLN B 141 -29.60 24.10 5.57
N LYS B 142 -29.39 23.60 4.36
CA LYS B 142 -29.37 22.14 4.14
C LYS B 142 -28.32 21.48 5.07
N PRO B 143 -28.70 20.46 5.85
CA PRO B 143 -27.68 19.73 6.63
C PRO B 143 -26.63 19.09 5.69
N LEU B 144 -25.36 19.31 5.96
CA LEU B 144 -24.31 18.71 5.15
C LEU B 144 -23.49 17.58 5.80
N TYR B 145 -23.74 17.25 7.05
CA TYR B 145 -22.95 16.24 7.74
C TYR B 145 -23.57 14.87 7.70
N THR B 146 -22.72 13.86 7.72
CA THR B 146 -23.17 12.52 7.96
C THR B 146 -22.04 11.77 8.63
N TYR B 147 -22.34 10.57 9.11
CA TYR B 147 -21.39 9.80 9.87
C TYR B 147 -21.29 8.38 9.26
N LEU B 148 -20.17 7.70 9.49
CA LEU B 148 -19.95 6.31 9.05
C LEU B 148 -19.23 5.65 10.21
N ILE B 149 -19.76 4.55 10.71
CA ILE B 149 -19.13 3.80 11.74
C ILE B 149 -18.97 2.36 11.27
N ALA B 150 -17.88 1.72 11.65
CA ALA B 150 -17.62 0.36 11.22
C ALA B 150 -18.77 -0.52 11.63
N GLY B 151 -19.33 -1.19 10.64
CA GLY B 151 -20.38 -2.21 10.80
C GLY B 151 -21.79 -1.66 10.66
N GLY B 152 -21.88 -0.44 10.12
CA GLY B 152 -23.14 0.34 9.96
C GLY B 152 -23.75 0.76 11.28
N ASP B 153 -24.95 1.35 11.19
CA ASP B 153 -25.54 2.21 12.24
C ASP B 153 -25.71 1.58 13.54
N ARG B 154 -26.09 0.32 13.48
CA ARG B 154 -26.26 -0.46 14.69
C ARG B 154 -25.00 -0.40 15.57
N SER B 155 -23.81 -0.29 14.97
CA SER B 155 -22.61 -0.22 15.81
C SER B 155 -22.66 0.94 16.81
N VAL B 156 -23.42 2.00 16.50
CA VAL B 156 -23.38 3.20 17.32
C VAL B 156 -23.61 2.90 18.78
N VAL B 157 -24.46 1.89 19.05
CA VAL B 157 -24.91 1.62 20.39
C VAL B 157 -24.62 0.17 20.81
N ALA B 158 -23.71 -0.49 20.12
CA ALA B 158 -23.29 -1.87 20.49
C ALA B 158 -21.79 -2.10 20.51
N SER B 159 -21.41 -3.20 21.14
CA SER B 159 -20.04 -3.69 21.09
C SER B 159 -19.85 -4.54 19.88
N ARG B 160 -19.21 -4.00 18.86
CA ARG B 160 -19.00 -4.65 17.56
C ARG B 160 -17.53 -4.46 17.07
N GLU B 161 -16.61 -4.94 17.93
CA GLU B 161 -15.17 -4.61 17.80
C GLU B 161 -14.56 -5.26 16.56
N GLY B 162 -15.19 -6.32 16.04
CA GLY B 162 -14.70 -7.05 14.82
C GLY B 162 -14.80 -6.33 13.49
N THR B 163 -15.61 -5.26 13.42
CA THR B 163 -16.00 -4.64 12.14
C THR B 163 -14.98 -3.68 11.55
N GLU B 164 -13.96 -3.37 12.33
CA GLU B 164 -13.02 -2.31 11.94
C GLU B 164 -11.90 -2.77 11.02
N ASP B 165 -11.85 -4.09 10.84
CA ASP B 165 -10.68 -4.76 10.25
C ASP B 165 -10.69 -4.81 8.72
N SER B 166 -11.66 -4.21 8.08
CA SER B 166 -11.79 -4.37 6.63
C SER B 166 -11.75 -3.05 5.97
N ALA B 167 -10.80 -2.88 5.06
CA ALA B 167 -10.61 -1.63 4.32
C ALA B 167 -11.64 -1.48 3.24
N LEU B 168 -11.99 -2.56 2.55
CA LEU B 168 -13.07 -2.50 1.55
C LEU B 168 -14.44 -2.15 2.15
N HIS B 169 -14.72 -2.57 3.36
CA HIS B 169 -15.97 -2.20 3.98
C HIS B 169 -16.05 -0.68 4.25
N GLY B 170 -14.90 -0.09 4.63
CA GLY B 170 -14.84 1.33 4.83
C GLY B 170 -15.06 2.04 3.50
N ILE B 171 -14.48 1.50 2.46
CA ILE B 171 -14.60 2.10 1.18
C ILE B 171 -15.99 2.02 0.63
N GLU B 172 -16.63 0.85 0.76
CA GLU B 172 -18.01 0.67 0.29
C GLU B 172 -18.94 1.66 0.98
N GLU B 173 -18.86 1.77 2.30
CA GLU B 173 -19.73 2.70 3.03
C GLU B 173 -19.55 4.16 2.60
N LEU B 174 -18.32 4.50 2.22
CA LEU B 174 -18.00 5.86 1.84
C LEU B 174 -18.65 6.05 0.47
N LYS B 175 -18.49 5.08 -0.43
CA LYS B 175 -19.11 5.24 -1.75
C LYS B 175 -20.62 5.30 -1.65
N LYS B 176 -21.21 4.59 -0.71
CA LYS B 176 -22.66 4.71 -0.55
C LYS B 176 -23.14 6.10 -0.17
N VAL B 177 -22.39 6.83 0.63
CA VAL B 177 -22.89 8.14 1.04
C VAL B 177 -22.43 9.26 0.08
N ALA B 178 -21.33 9.05 -0.60
CA ALA B 178 -20.77 10.04 -1.48
C ALA B 178 -21.32 9.91 -2.87
N ALA B 179 -22.41 9.16 -3.02
CA ALA B 179 -23.40 9.40 -4.10
C ALA B 179 -22.72 9.86 -5.37
N GLY B 180 -23.32 10.81 -6.03
CA GLY B 180 -22.62 11.59 -7.05
C GLY B 180 -22.58 13.00 -6.47
N LYS B 181 -21.88 13.17 -5.35
CA LYS B 181 -21.66 14.50 -4.77
C LYS B 181 -20.53 15.03 -5.56
N LYS B 182 -20.32 16.34 -5.58
CA LYS B 182 -19.16 16.89 -6.29
C LYS B 182 -18.02 17.23 -5.36
N ARG B 183 -18.31 17.51 -4.08
CA ARG B 183 -17.28 17.78 -3.07
C ARG B 183 -17.55 17.11 -1.73
N VAL B 184 -16.66 16.19 -1.35
CA VAL B 184 -16.77 15.49 -0.08
C VAL B 184 -15.53 15.73 0.78
N ILE B 185 -15.76 16.24 1.98
CA ILE B 185 -14.69 16.25 2.97
C ILE B 185 -14.90 15.04 3.86
N VAL B 186 -13.84 14.22 3.97
CA VAL B 186 -13.90 12.99 4.74
C VAL B 186 -12.98 13.04 5.95
N ILE B 187 -13.59 13.11 7.11
CA ILE B 187 -12.85 13.17 8.32
C ILE B 187 -12.69 11.77 8.86
N GLY B 188 -11.51 11.21 8.63
CA GLY B 188 -11.25 9.84 9.00
C GLY B 188 -10.60 9.82 10.34
N ILE B 189 -11.30 9.30 11.34
CA ILE B 189 -10.91 9.35 12.74
C ILE B 189 -10.43 7.98 13.27
N SER B 190 -9.17 7.86 13.67
CA SER B 190 -8.67 6.65 14.28
C SER B 190 -7.58 7.08 15.21
N VAL B 191 -7.86 6.88 16.47
CA VAL B 191 -7.09 7.38 17.55
C VAL B 191 -5.71 6.85 17.44
N GLY B 192 -5.61 5.56 17.11
CA GLY B 192 -4.29 4.97 17.00
C GLY B 192 -3.61 5.14 15.68
N LEU B 193 -4.20 5.85 14.73
CA LEU B 193 -3.82 5.72 13.35
C LEU B 193 -3.78 4.21 12.97
N SER B 194 -4.86 3.50 13.30
CA SER B 194 -4.88 2.08 13.36
C SER B 194 -5.89 1.41 12.41
N ALA B 195 -7.09 1.97 12.27
CA ALA B 195 -8.23 1.16 11.77
C ALA B 195 -8.22 0.96 10.25
N PRO B 196 -8.20 -0.31 9.80
CA PRO B 196 -8.32 -0.61 8.39
C PRO B 196 -9.55 0.05 7.73
N PHE B 197 -10.70 0.03 8.41
CA PHE B 197 -11.89 0.75 7.96
C PHE B 197 -11.54 2.16 7.49
N VAL B 198 -10.75 2.89 8.26
CA VAL B 198 -10.37 4.27 7.91
C VAL B 198 -9.27 4.35 6.92
N ALA B 199 -8.28 3.48 7.03
CA ALA B 199 -7.18 3.55 6.08
C ALA B 199 -7.70 3.43 4.68
N GLY B 200 -8.62 2.50 4.49
CA GLY B 200 -9.16 2.35 3.13
C GLY B 200 -9.80 3.63 2.57
N GLN B 201 -10.61 4.28 3.40
CA GLN B 201 -11.28 5.52 2.96
C GLN B 201 -10.28 6.59 2.59
N MET B 202 -9.26 6.77 3.43
CA MET B 202 -8.30 7.84 3.22
C MET B 202 -7.61 7.62 1.92
N ASP B 203 -7.20 6.38 1.65
CA ASP B 203 -6.49 6.06 0.39
C ASP B 203 -7.43 6.30 -0.82
N CYS B 204 -8.66 5.82 -0.71
CA CYS B 204 -9.66 6.04 -1.78
C CYS B 204 -9.73 7.52 -2.11
N CYS B 205 -9.88 8.34 -1.08
CA CYS B 205 -9.93 9.81 -1.25
C CYS B 205 -8.81 10.32 -2.04
N MET B 206 -7.61 9.86 -1.70
CA MET B 206 -6.39 10.36 -2.39
C MET B 206 -6.36 9.92 -3.83
N ASN B 207 -7.04 8.84 -4.18
CA ASN B 207 -7.03 8.45 -5.58
C ASN B 207 -8.08 9.23 -6.36
N ASN B 208 -8.79 10.19 -5.73
CA ASN B 208 -9.78 11.00 -6.45
C ASN B 208 -10.04 12.38 -5.76
N THR B 209 -9.04 13.24 -5.83
CA THR B 209 -9.02 14.51 -5.10
C THR B 209 -9.85 15.60 -5.75
N ALA B 210 -10.30 15.34 -6.96
CA ALA B 210 -11.28 16.20 -7.64
C ALA B 210 -12.53 16.35 -6.78
N VAL B 211 -12.89 15.29 -6.10
CA VAL B 211 -14.09 15.19 -5.30
C VAL B 211 -13.77 15.21 -3.81
N PHE B 212 -12.77 14.43 -3.42
CA PHE B 212 -12.51 14.15 -2.01
C PHE B 212 -11.37 14.96 -1.41
N LEU B 213 -11.60 15.44 -0.21
CA LEU B 213 -10.53 15.96 0.64
C LEU B 213 -10.49 15.16 1.97
N PRO B 214 -9.49 14.28 2.11
CA PRO B 214 -9.31 13.47 3.29
C PRO B 214 -8.60 14.19 4.44
N VAL B 215 -9.10 14.05 5.66
CA VAL B 215 -8.57 14.66 6.84
C VAL B 215 -8.48 13.55 7.88
N LEU B 216 -7.26 13.18 8.26
CA LEU B 216 -7.05 12.11 9.21
C LEU B 216 -6.88 12.68 10.57
N VAL B 217 -7.59 12.10 11.54
CA VAL B 217 -7.47 12.52 12.91
C VAL B 217 -7.16 11.35 13.81
N GLY B 218 -6.12 11.53 14.62
CA GLY B 218 -5.74 10.55 15.59
C GLY B 218 -4.69 11.23 16.40
N PHE B 219 -3.97 10.44 17.21
CA PHE B 219 -3.22 10.93 18.33
C PHE B 219 -1.86 10.27 18.50
N ASN B 220 -1.31 9.78 17.38
CA ASN B 220 0.04 9.33 17.30
C ASN B 220 0.72 10.13 16.23
N PRO B 221 2.03 10.30 16.35
CA PRO B 221 2.78 10.79 15.23
C PRO B 221 2.74 9.77 14.10
N VAL B 222 2.80 10.27 12.86
CA VAL B 222 2.80 9.38 11.71
C VAL B 222 3.93 8.34 11.73
N SER B 223 5.09 8.67 12.23
CA SER B 223 6.14 7.65 12.42
C SER B 223 5.72 6.47 13.28
N MET B 224 4.62 6.58 14.03
CA MET B 224 4.11 5.46 14.86
C MET B 224 2.76 4.93 14.37
N ALA B 225 2.29 5.37 13.22
CA ALA B 225 1.06 4.84 12.64
C ALA B 225 1.21 3.34 12.37
N ARG B 226 0.10 2.64 12.49
CA ARG B 226 0.09 1.22 12.41
C ARG B 226 0.57 0.79 11.06
N ASN B 227 1.40 -0.24 11.07
CA ASN B 227 2.12 -0.62 9.87
C ASN B 227 2.07 -2.11 9.55
N ASP B 228 1.21 -2.89 10.21
CA ASP B 228 1.09 -4.32 9.89
C ASP B 228 0.14 -4.52 8.75
N PRO B 229 0.25 -5.65 8.01
CA PRO B 229 -0.54 -5.72 6.80
C PRO B 229 -2.03 -5.81 7.15
N ILE B 230 -2.84 -5.26 6.27
CA ILE B 230 -4.27 -5.26 6.38
C ILE B 230 -4.80 -6.29 5.43
N GLU B 231 -5.73 -7.09 5.91
CA GLU B 231 -6.02 -8.32 5.26
C GLU B 231 -6.55 -8.09 3.83
N ASP B 232 -7.37 -7.08 3.60
CA ASP B 232 -7.91 -6.88 2.25
C ASP B 232 -7.37 -5.64 1.55
N TRP B 233 -6.13 -5.25 1.79
CA TRP B 233 -5.63 -3.95 1.29
C TRP B 233 -4.09 -4.01 1.24
N SER B 234 -3.50 -3.38 0.24
CA SER B 234 -2.08 -3.55 -0.05
C SER B 234 -1.15 -2.60 0.71
N SER B 235 -1.61 -1.37 0.98
CA SER B 235 -0.81 -0.44 1.74
C SER B 235 -1.11 -0.52 3.24
N THR B 236 -0.27 0.09 4.08
CA THR B 236 -0.47 0.05 5.56
C THR B 236 -0.96 1.40 5.97
N PHE B 237 -1.48 1.53 7.19
CA PHE B 237 -2.02 2.83 7.66
C PHE B 237 -0.91 3.94 7.61
N ARG B 238 0.31 3.60 7.96
CA ARG B 238 1.43 4.55 7.94
C ARG B 238 1.78 5.10 6.54
N GLN B 239 1.70 4.25 5.53
CA GLN B 239 2.05 4.70 4.18
C GLN B 239 1.00 5.66 3.75
N VAL B 240 -0.24 5.32 4.09
CA VAL B 240 -1.36 6.18 3.71
C VAL B 240 -1.20 7.51 4.41
N ALA B 241 -0.95 7.47 5.71
CA ALA B 241 -0.77 8.70 6.47
C ALA B 241 0.46 9.50 6.02
N GLU B 242 1.52 8.82 5.60
CA GLU B 242 2.73 9.49 5.10
C GLU B 242 2.41 10.21 3.81
N ARG B 243 1.66 9.54 2.95
CA ARG B 243 1.23 10.17 1.72
C ARG B 243 0.29 11.36 1.90
N MET B 244 -0.65 11.29 2.85
CA MET B 244 -1.51 12.42 3.15
C MET B 244 -0.69 13.60 3.66
N GLN B 245 0.29 13.32 4.51
CA GLN B 245 1.22 14.37 4.99
C GLN B 245 1.96 15.09 3.86
N LYS B 246 2.48 14.36 2.91
CA LYS B 246 3.15 15.01 1.78
C LYS B 246 2.14 15.89 1.03
N MET B 247 0.95 15.37 0.76
CA MET B 247 -0.10 16.13 0.13
C MET B 247 -0.59 17.37 0.89
N GLN B 248 -0.44 17.41 2.20
CA GLN B 248 -0.85 18.56 2.98
C GLN B 248 -0.14 19.85 2.55
N GLU B 249 1.12 19.75 2.13
CA GLU B 249 1.84 20.90 1.56
C GLU B 249 1.10 21.67 0.49
N LYS B 250 0.30 20.98 -0.33
CA LYS B 250 -0.56 21.65 -1.32
C LYS B 250 -2.04 21.68 -0.83
N GLN B 251 -2.25 21.46 0.46
CA GLN B 251 -3.60 21.45 1.02
C GLN B 251 -4.61 20.49 0.32
N LYS B 252 -4.14 19.32 -0.08
CA LYS B 252 -5.02 18.32 -0.67
C LYS B 252 -5.34 17.20 0.31
N ALA B 253 -4.65 17.19 1.45
CA ALA B 253 -4.98 16.26 2.52
C ALA B 253 -4.54 16.88 3.83
N PHE B 254 -5.09 16.44 4.95
CA PHE B 254 -4.55 16.93 6.22
C PHE B 254 -4.47 15.82 7.22
N VAL B 255 -3.46 15.91 8.06
CA VAL B 255 -3.24 14.95 9.09
C VAL B 255 -3.20 15.76 10.37
N LEU B 256 -4.16 15.55 11.24
CA LEU B 256 -4.35 16.35 12.40
C LEU B 256 -4.17 15.41 13.56
N ASN B 257 -2.96 15.45 14.11
CA ASN B 257 -2.54 14.43 15.06
C ASN B 257 -1.70 14.88 16.25
N PRO B 258 -2.27 15.65 17.14
CA PRO B 258 -1.54 15.95 18.33
C PRO B 258 -1.35 14.74 19.27
N ALA B 259 -0.24 14.71 19.97
CA ALA B 259 -0.02 13.78 21.07
C ALA B 259 -0.78 14.27 22.35
N ILE B 260 -1.43 13.35 23.01
CA ILE B 260 -2.16 13.67 24.25
C ILE B 260 -1.74 12.86 25.40
N GLY B 261 -0.72 12.04 25.18
CA GLY B 261 -0.26 11.14 26.22
C GLY B 261 -1.08 9.84 26.29
N PRO B 262 -0.46 8.79 26.79
CA PRO B 262 -1.16 7.52 26.88
C PRO B 262 -2.39 7.54 27.76
N GLU B 263 -3.20 6.50 27.56
CA GLU B 263 -4.46 6.33 28.33
C GLU B 263 -4.15 5.86 29.74
N GLY B 264 -4.94 6.32 30.71
CA GLY B 264 -4.80 5.89 32.10
C GLY B 264 -4.99 4.39 32.22
N LEU B 265 -5.85 3.84 31.36
CA LEU B 265 -5.90 2.39 31.14
C LEU B 265 -5.37 2.14 29.69
N SER B 266 -4.26 1.42 29.62
CA SER B 266 -3.37 1.35 28.48
C SER B 266 -4.20 0.89 27.39
N GLY B 267 -4.21 1.65 26.29
CA GLY B 267 -4.91 1.31 25.12
C GLY B 267 -6.41 1.55 25.12
N SER B 268 -6.98 1.99 26.23
CA SER B 268 -8.41 2.27 26.23
C SER B 268 -8.69 3.60 25.53
N SER B 269 -8.50 3.64 24.20
CA SER B 269 -8.68 4.85 23.45
C SER B 269 -10.14 5.37 23.45
N ARG B 270 -11.07 4.66 24.06
CA ARG B 270 -12.42 5.28 24.30
C ARG B 270 -12.37 6.54 25.24
N MET B 271 -11.29 6.65 26.00
CA MET B 271 -11.17 7.64 27.05
C MET B 271 -10.61 8.94 26.50
N LYS B 272 -9.32 9.20 26.66
CA LYS B 272 -8.80 10.45 26.17
C LYS B 272 -8.91 10.57 24.68
N GLY B 273 -8.70 9.46 23.97
CA GLY B 273 -8.81 9.56 22.54
C GLY B 273 -10.19 10.01 22.07
N GLY B 274 -11.21 9.47 22.68
CA GLY B 274 -12.57 9.83 22.25
C GLY B 274 -12.89 11.28 22.73
N SER B 275 -12.61 11.60 23.99
CA SER B 275 -12.67 13.03 24.45
C SER B 275 -11.90 14.00 23.57
N ALA B 276 -10.63 13.73 23.31
CA ALA B 276 -9.82 14.63 22.47
C ALA B 276 -10.33 14.73 21.06
N THR B 277 -10.95 13.64 20.56
CA THR B 277 -11.57 13.70 19.24
C THR B 277 -12.66 14.77 19.19
N LYS B 278 -13.53 14.78 20.20
CA LYS B 278 -14.61 15.77 20.30
C LYS B 278 -14.08 17.17 20.43
N ILE B 279 -13.16 17.33 21.39
CA ILE B 279 -12.47 18.60 21.58
C ILE B 279 -11.89 19.14 20.30
N LEU B 280 -11.17 18.31 19.57
CA LEU B 280 -10.53 18.79 18.34
C LEU B 280 -11.57 19.18 17.32
N LEU B 281 -12.55 18.31 17.05
CA LEU B 281 -13.37 18.57 15.82
C LEU B 281 -14.62 19.45 16.11
N GLU B 282 -15.16 19.40 17.31
CA GLU B 282 -16.16 20.40 17.72
C GLU B 282 -15.54 21.79 17.67
N THR B 283 -14.33 21.95 18.18
CA THR B 283 -13.68 23.24 18.10
C THR B 283 -13.59 23.70 16.64
N LEU B 284 -13.01 22.85 15.82
CA LEU B 284 -12.64 23.20 14.44
C LEU B 284 -13.85 23.50 13.61
N LEU B 285 -14.86 22.67 13.74
CA LEU B 285 -16.06 22.86 12.94
C LEU B 285 -16.96 23.99 13.52
N LEU B 286 -16.98 24.17 14.83
CA LEU B 286 -17.74 25.25 15.37
C LEU B 286 -17.13 26.62 14.87
N ALA B 287 -15.81 26.73 14.91
CA ALA B 287 -15.18 27.88 14.33
C ALA B 287 -15.49 28.03 12.89
N ALA B 288 -15.56 26.92 12.17
CA ALA B 288 -15.83 27.03 10.75
C ALA B 288 -17.17 27.74 10.53
N HIS B 289 -18.21 27.32 11.25
CA HIS B 289 -19.54 27.88 11.01
C HIS B 289 -19.57 29.36 11.47
N LYS B 290 -19.32 29.56 12.77
CA LYS B 290 -19.14 30.87 13.37
C LYS B 290 -18.36 31.92 12.50
N THR B 291 -17.26 31.56 11.88
CA THR B 291 -16.43 32.57 11.26
C THR B 291 -16.49 32.59 9.77
N VAL B 292 -17.54 32.07 9.13
CA VAL B 292 -17.59 32.19 7.67
C VAL B 292 -17.49 33.66 7.25
N ASP B 293 -16.61 33.93 6.30
CA ASP B 293 -16.47 35.27 5.70
C ASP B 293 -15.90 36.36 6.64
N GLN B 294 -15.03 35.97 7.59
CA GLN B 294 -14.34 36.94 8.44
C GLN B 294 -12.82 36.85 8.38
N GLY B 295 -12.32 35.90 7.61
CA GLY B 295 -10.91 35.84 7.34
C GLY B 295 -10.24 34.99 8.38
N ILE B 296 -9.03 34.60 8.04
CA ILE B 296 -8.26 33.65 8.84
C ILE B 296 -8.07 34.06 10.32
N ALA B 297 -7.92 35.37 10.57
CA ALA B 297 -7.54 35.84 11.90
C ALA B 297 -8.59 35.47 12.91
N ALA B 298 -9.83 35.77 12.55
CA ALA B 298 -10.98 35.48 13.39
C ALA B 298 -11.11 33.97 13.60
N SER B 299 -10.78 33.20 12.57
CA SER B 299 -10.84 31.74 12.67
C SER B 299 -9.89 31.29 13.78
N GLN B 300 -8.64 31.76 13.74
CA GLN B 300 -7.64 31.37 14.75
C GLN B 300 -8.06 31.76 16.16
N ARG B 301 -8.64 32.97 16.30
CA ARG B 301 -9.08 33.48 17.59
C ARG B 301 -10.25 32.66 18.10
N CYS B 302 -11.19 32.39 17.21
CA CYS B 302 -12.31 31.54 17.62
C CYS B 302 -11.85 30.12 18.02
N LEU B 303 -10.92 29.52 17.26
CA LEU B 303 -10.37 28.16 17.62
C LEU B 303 -9.85 28.19 19.02
N LEU B 304 -9.02 29.19 19.27
CA LEU B 304 -8.38 29.32 20.56
C LEU B 304 -9.37 29.56 21.70
N GLU B 305 -10.41 30.36 21.49
CA GLU B 305 -11.42 30.53 22.56
C GLU B 305 -12.02 29.20 22.91
N ILE B 306 -12.46 28.47 21.89
CA ILE B 306 -13.20 27.22 22.10
C ILE B 306 -12.35 26.20 22.85
N LEU B 307 -11.07 26.09 22.49
CA LEU B 307 -10.19 25.13 23.18
C LEU B 307 -10.08 25.46 24.67
N ARG B 308 -9.92 26.75 24.98
CA ARG B 308 -9.74 27.15 26.38
C ARG B 308 -11.01 26.91 27.19
N THR B 309 -12.18 27.13 26.59
CA THR B 309 -13.43 26.68 27.19
C THR B 309 -13.40 25.16 27.53
N PHE B 310 -13.08 24.35 26.54
CA PHE B 310 -12.97 22.89 26.81
C PHE B 310 -11.98 22.65 27.95
N GLU B 311 -10.90 23.39 27.93
CA GLU B 311 -9.93 23.17 29.00
C GLU B 311 -10.53 23.57 30.39
N ARG B 312 -11.38 24.58 30.44
CA ARG B 312 -12.05 24.93 31.74
C ARG B 312 -12.98 23.82 32.21
N ALA B 313 -13.63 23.18 31.23
CA ALA B 313 -14.57 22.07 31.44
C ALA B 313 -13.85 20.94 32.08
N HIS B 314 -12.64 20.67 31.64
CA HIS B 314 -11.89 19.75 32.47
C HIS B 314 -11.92 20.20 33.92
N GLN B 315 -11.39 21.36 34.29
CA GLN B 315 -11.29 21.66 35.76
C GLN B 315 -12.64 21.85 36.41
N VAL B 316 -13.60 22.34 35.67
CA VAL B 316 -14.95 22.37 36.21
C VAL B 316 -15.38 20.96 36.61
N THR B 317 -15.31 20.04 35.64
CA THR B 317 -15.71 18.67 35.87
C THR B 317 -14.97 18.04 37.06
N TYR B 318 -13.64 18.13 37.07
CA TYR B 318 -12.90 17.47 38.15
C TYR B 318 -12.86 18.27 39.46
N SER B 319 -13.46 19.45 39.50
CA SER B 319 -13.63 20.11 40.82
C SER B 319 -14.59 19.27 41.68
N GLN B 320 -15.38 18.40 41.05
CA GLN B 320 -16.26 17.51 41.77
C GLN B 320 -15.63 16.19 42.10
N SER B 321 -14.31 16.13 42.17
CA SER B 321 -13.67 14.83 42.30
C SER B 321 -14.22 14.02 43.45
N PRO B 322 -14.32 14.59 44.66
CA PRO B 322 -14.69 13.70 45.79
C PRO B 322 -16.08 13.04 45.63
N LYS B 323 -17.00 13.72 44.96
CA LYS B 323 -18.33 13.16 44.75
C LYS B 323 -18.32 12.10 43.60
N ILE B 324 -17.40 12.29 42.66
CA ILE B 324 -17.18 11.29 41.65
C ILE B 324 -16.66 9.99 42.30
N ALA B 325 -15.79 10.09 43.28
CA ALA B 325 -15.25 8.89 43.86
C ALA B 325 -16.26 8.15 44.74
N THR B 326 -17.18 8.92 45.28
CA THR B 326 -18.26 8.37 46.08
C THR B 326 -19.20 7.57 45.14
N LEU B 327 -19.45 8.11 43.96
CA LEU B 327 -20.25 7.36 43.02
C LEU B 327 -19.49 6.09 42.58
N MET B 328 -18.19 6.23 42.35
CA MET B 328 -17.40 5.12 41.88
C MET B 328 -17.48 3.99 42.86
N LYS B 329 -17.37 4.29 44.15
CA LYS B 329 -17.57 3.25 45.19
C LYS B 329 -18.94 2.60 45.12
N SER B 330 -20.00 3.39 44.95
CA SER B 330 -21.38 2.83 44.97
C SER B 330 -21.53 1.89 43.77
N VAL B 331 -21.08 2.35 42.60
CA VAL B 331 -21.16 1.54 41.35
C VAL B 331 -20.40 0.20 41.45
N SER B 332 -19.24 0.24 42.07
CA SER B 332 -18.37 -0.93 42.28
C SER B 332 -18.96 -1.93 43.29
N THR B 333 -19.35 -1.42 44.46
CA THR B 333 -20.11 -2.17 45.48
C THR B 333 -21.25 -2.97 44.89
N SER B 334 -22.07 -2.29 44.12
CA SER B 334 -23.16 -2.91 43.40
C SER B 334 -22.74 -4.10 42.48
N LEU B 335 -21.70 -3.93 41.65
CA LEU B 335 -21.19 -5.03 40.79
C LEU B 335 -20.46 -6.11 41.59
N GLU B 336 -19.87 -5.67 42.68
CA GLU B 336 -19.24 -6.60 43.57
C GLU B 336 -20.25 -7.59 44.14
N LYS B 337 -21.48 -7.14 44.36
CA LYS B 337 -22.52 -7.97 44.98
C LYS B 337 -23.43 -8.56 43.90
N LYS B 338 -22.90 -8.64 42.67
CA LYS B 338 -23.60 -9.14 41.49
C LYS B 338 -24.90 -8.42 41.14
N GLY B 339 -25.01 -7.16 41.55
CA GLY B 339 -26.11 -6.32 41.12
C GLY B 339 -25.78 -5.61 39.82
N HIS B 340 -26.45 -4.48 39.60
CA HIS B 340 -26.48 -3.82 38.31
C HIS B 340 -26.53 -2.31 38.46
N VAL B 341 -26.14 -1.62 37.40
CA VAL B 341 -25.98 -0.21 37.43
C VAL B 341 -26.69 0.32 36.26
N TYR B 342 -27.51 1.32 36.55
CA TYR B 342 -28.38 1.89 35.55
C TYR B 342 -27.97 3.35 35.40
N LEU B 343 -27.76 3.80 34.18
CA LEU B 343 -27.38 5.17 33.90
C LEU B 343 -28.53 5.70 33.13
N VAL B 344 -29.39 6.43 33.81
CA VAL B 344 -30.63 6.86 33.20
C VAL B 344 -30.44 8.29 32.86
N GLY B 345 -30.62 8.65 31.60
CA GLY B 345 -30.33 10.00 31.26
C GLY B 345 -31.18 10.56 30.19
N TRP B 346 -31.14 11.89 30.11
CA TRP B 346 -31.98 12.61 29.14
C TRP B 346 -31.20 13.13 27.99
N GLN B 347 -31.85 13.06 26.85
CA GLN B 347 -31.30 13.58 25.63
C GLN B 347 -29.94 12.93 25.31
N THR B 348 -29.06 13.73 24.77
CA THR B 348 -27.81 13.33 24.23
C THR B 348 -26.94 12.82 25.37
N LEU B 349 -27.26 13.22 26.58
CA LEU B 349 -26.52 12.76 27.74
C LEU B 349 -26.89 11.34 28.14
N GLY B 350 -28.09 10.92 27.75
CA GLY B 350 -28.48 9.54 27.82
C GLY B 350 -27.80 8.63 26.78
N ILE B 351 -27.69 9.12 25.55
CA ILE B 351 -26.89 8.45 24.53
C ILE B 351 -25.46 8.16 25.03
N ILE B 352 -24.84 9.12 25.71
CA ILE B 352 -23.48 9.00 26.18
C ILE B 352 -23.43 7.94 27.25
N ALA B 353 -24.53 7.88 28.02
CA ALA B 353 -24.71 6.87 29.06
C ALA B 353 -24.78 5.50 28.43
N ILE B 354 -25.60 5.41 27.39
CA ILE B 354 -25.67 4.18 26.60
C ILE B 354 -24.26 3.74 26.11
N MET B 355 -23.55 4.64 25.45
CA MET B 355 -22.18 4.41 25.02
C MET B 355 -21.29 3.94 26.15
N ASP B 356 -21.32 4.58 27.29
CA ASP B 356 -20.34 4.17 28.26
C ASP B 356 -20.56 2.70 28.65
N GLY B 357 -21.80 2.41 29.01
CA GLY B 357 -22.18 1.07 29.47
C GLY B 357 -21.89 -0.05 28.47
N VAL B 358 -22.13 0.22 27.22
CA VAL B 358 -21.91 -0.75 26.19
C VAL B 358 -20.38 -1.01 26.02
N GLU B 359 -19.58 0.05 26.23
CA GLU B 359 -18.16 -0.05 26.02
C GLU B 359 -17.56 -0.88 27.14
N CYS B 360 -18.29 -1.04 28.22
CA CYS B 360 -17.79 -1.83 29.32
C CYS B 360 -17.74 -3.32 28.97
N ILE B 361 -18.55 -3.66 27.96
CA ILE B 361 -18.78 -5.04 27.55
C ILE B 361 -17.46 -5.55 27.07
N HIS B 362 -16.90 -4.89 26.09
CA HIS B 362 -15.62 -5.35 25.58
C HIS B 362 -14.48 -4.82 26.38
N THR B 363 -14.64 -3.68 27.05
CA THR B 363 -13.46 -3.17 27.74
C THR B 363 -13.14 -3.98 28.94
N PHE B 364 -14.17 -4.43 29.65
CA PHE B 364 -13.91 -5.18 30.84
C PHE B 364 -14.53 -6.53 30.88
N GLY B 365 -15.06 -7.04 29.78
CA GLY B 365 -15.71 -8.38 29.84
C GLY B 365 -17.04 -8.38 30.62
N ALA B 366 -17.62 -7.21 30.82
CA ALA B 366 -18.83 -7.11 31.59
C ALA B 366 -20.03 -7.63 30.81
N ASP B 367 -20.98 -8.22 31.55
CA ASP B 367 -22.31 -8.43 30.98
C ASP B 367 -22.92 -7.07 30.66
N PHE B 368 -23.76 -7.07 29.67
CA PHE B 368 -24.49 -5.95 29.21
C PHE B 368 -25.33 -5.18 30.23
N ARG B 369 -25.82 -5.88 31.25
CA ARG B 369 -26.69 -5.29 32.27
C ARG B 369 -25.86 -4.77 33.44
N ASP B 370 -24.57 -5.13 33.47
CA ASP B 370 -23.67 -4.67 34.52
C ASP B 370 -23.63 -3.13 34.64
N VAL B 371 -23.36 -2.45 33.53
CA VAL B 371 -23.44 -1.03 33.46
C VAL B 371 -24.18 -0.69 32.22
N ARG B 372 -25.42 -0.29 32.40
CA ARG B 372 -26.26 -0.10 31.26
C ARG B 372 -26.92 1.28 31.24
N GLY B 373 -27.04 1.88 30.07
CA GLY B 373 -27.60 3.19 29.96
C GLY B 373 -28.99 3.13 29.36
N PHE B 374 -29.78 4.14 29.70
CA PHE B 374 -31.08 4.36 29.08
C PHE B 374 -31.23 5.83 28.67
N LEU B 375 -31.83 6.00 27.51
CA LEU B 375 -32.35 7.27 27.10
C LEU B 375 -33.85 7.34 27.44
N ILE B 376 -34.24 8.16 28.42
CA ILE B 376 -35.64 8.48 28.69
C ILE B 376 -36.14 9.57 27.76
N GLY B 377 -36.95 9.24 26.75
CA GLY B 377 -37.03 10.09 25.54
C GLY B 377 -38.31 10.86 25.38
N GLN B 392 -33.15 -1.06 19.04
CA GLN B 392 -32.65 -2.32 18.48
C GLN B 392 -31.53 -3.00 19.35
N GLY B 393 -31.51 -4.34 19.32
CA GLY B 393 -30.65 -5.19 20.19
C GLY B 393 -31.40 -5.33 21.50
N PRO B 394 -30.71 -5.27 22.65
CA PRO B 394 -31.51 -4.90 23.82
C PRO B 394 -32.12 -3.48 23.64
N GLN B 395 -33.15 -3.13 24.40
CA GLN B 395 -33.78 -1.83 24.28
C GLN B 395 -32.99 -0.70 25.05
N PHE B 396 -32.94 0.49 24.41
CA PHE B 396 -32.17 1.61 24.92
C PHE B 396 -32.94 2.97 25.08
N THR B 397 -33.88 3.27 24.18
CA THR B 397 -34.84 4.39 24.35
C THR B 397 -36.17 3.96 24.99
N PHE B 398 -36.52 4.52 26.14
CA PHE B 398 -37.78 4.26 26.83
C PHE B 398 -38.59 5.55 27.12
N SER B 399 -39.89 5.55 26.79
CA SER B 399 -40.87 6.46 27.43
C SER B 399 -40.73 6.35 28.95
N GLN B 400 -41.28 7.33 29.65
CA GLN B 400 -41.38 7.26 31.11
C GLN B 400 -42.05 5.97 31.62
N GLU B 401 -43.20 5.68 31.02
CA GLU B 401 -44.06 4.61 31.47
C GLU B 401 -43.40 3.29 31.02
N ASP B 402 -42.98 3.22 29.76
CA ASP B 402 -42.22 2.07 29.31
C ASP B 402 -41.10 1.77 30.30
N PHE B 403 -40.37 2.80 30.73
CA PHE B 403 -39.32 2.58 31.74
C PHE B 403 -39.90 2.08 33.05
N LEU B 404 -40.97 2.70 33.53
CA LEU B 404 -41.53 2.26 34.86
C LEU B 404 -42.21 0.86 34.85
N THR B 405 -42.89 0.55 33.77
CA THR B 405 -43.50 -0.75 33.52
C THR B 405 -42.41 -1.82 33.41
N SER B 406 -41.53 -1.62 32.42
CA SER B 406 -40.65 -2.67 31.93
C SER B 406 -39.37 -2.81 32.78
N ILE B 407 -38.85 -1.73 33.39
CA ILE B 407 -37.53 -1.78 34.03
C ILE B 407 -37.54 -1.65 35.52
N LEU B 408 -38.33 -0.71 36.02
CA LEU B 408 -38.41 -0.53 37.45
C LEU B 408 -38.57 -1.85 38.22
N PRO B 409 -39.40 -2.79 37.71
CA PRO B 409 -39.59 -4.03 38.49
C PRO B 409 -38.33 -4.88 38.76
N SER B 410 -37.37 -4.92 37.84
CA SER B 410 -36.16 -5.76 38.01
C SER B 410 -35.16 -5.24 39.03
N LEU B 411 -35.44 -4.12 39.68
CA LEU B 411 -34.47 -3.48 40.55
C LEU B 411 -34.49 -4.03 41.94
N THR B 412 -33.32 -4.03 42.56
CA THR B 412 -33.05 -4.57 43.87
C THR B 412 -32.40 -3.46 44.68
N GLU B 413 -32.30 -3.67 45.98
CA GLU B 413 -31.80 -2.64 46.87
C GLU B 413 -30.26 -2.55 46.89
N ILE B 414 -29.60 -3.46 46.20
CA ILE B 414 -28.14 -3.36 46.02
C ILE B 414 -27.80 -2.66 44.70
N ASP B 415 -28.79 -2.47 43.83
CA ASP B 415 -28.55 -1.79 42.57
C ASP B 415 -28.20 -0.34 42.78
N THR B 416 -27.39 0.20 41.86
CA THR B 416 -27.11 1.63 41.79
C THR B 416 -27.73 2.22 40.54
N VAL B 417 -28.42 3.33 40.71
CA VAL B 417 -29.07 4.02 39.60
C VAL B 417 -28.57 5.45 39.57
N VAL B 418 -28.13 5.92 38.40
CA VAL B 418 -27.55 7.26 38.26
C VAL B 418 -28.40 8.00 37.28
N PHE B 419 -28.84 9.19 37.69
CA PHE B 419 -29.65 10.06 36.84
C PHE B 419 -28.78 11.16 36.31
N ILE B 420 -28.93 11.44 35.02
CA ILE B 420 -28.03 12.35 34.33
C ILE B 420 -28.86 13.25 33.45
N PHE B 421 -28.81 14.54 33.71
CA PHE B 421 -29.77 15.48 33.12
C PHE B 421 -29.34 16.95 33.38
N THR B 422 -30.01 17.84 32.68
CA THR B 422 -29.76 19.29 32.78
C THR B 422 -31.03 19.97 33.30
N LEU B 423 -30.89 21.12 33.95
CA LEU B 423 -32.09 21.82 34.47
C LEU B 423 -32.98 22.31 33.34
N ASP B 424 -32.47 22.39 32.12
CA ASP B 424 -33.30 22.65 30.95
C ASP B 424 -34.25 21.48 30.52
N ASP B 425 -34.12 20.33 31.14
CA ASP B 425 -34.90 19.16 30.75
C ASP B 425 -36.23 19.14 31.54
N ASN B 426 -37.25 18.60 30.89
CA ASN B 426 -38.43 17.98 31.53
C ASN B 426 -38.19 17.45 32.97
N LEU B 427 -38.13 18.34 33.97
CA LEU B 427 -37.85 17.95 35.38
C LEU B 427 -39.00 17.28 36.12
N THR B 428 -40.19 17.34 35.52
CA THR B 428 -41.38 16.65 36.04
C THR B 428 -41.05 15.15 35.96
N GLU B 429 -41.01 14.70 34.70
CA GLU B 429 -40.53 13.38 34.25
C GLU B 429 -39.35 12.81 35.06
N VAL B 430 -38.32 13.63 35.28
CA VAL B 430 -37.23 13.21 36.16
C VAL B 430 -37.76 12.80 37.51
N GLN B 431 -38.26 13.79 38.22
CA GLN B 431 -38.88 13.60 39.52
C GLN B 431 -39.75 12.34 39.59
N THR B 432 -40.68 12.19 38.66
CA THR B 432 -41.55 10.99 38.63
C THR B 432 -40.69 9.72 38.83
N ILE B 433 -39.80 9.49 37.85
CA ILE B 433 -39.00 8.23 37.74
C ILE B 433 -38.12 8.02 38.95
N VAL B 434 -37.55 9.11 39.44
CA VAL B 434 -36.66 9.05 40.58
C VAL B 434 -37.44 8.63 41.78
N GLU B 435 -38.70 9.09 41.83
CA GLU B 435 -39.52 8.88 43.03
C GLU B 435 -39.73 7.40 43.16
N GLN B 436 -40.22 6.81 42.08
CA GLN B 436 -40.53 5.40 42.07
C GLN B 436 -39.26 4.51 42.22
N VAL B 437 -38.23 4.76 41.40
CA VAL B 437 -36.92 4.08 41.58
C VAL B 437 -36.48 4.08 43.03
N LYS B 438 -36.59 5.23 43.65
CA LYS B 438 -36.11 5.42 45.01
C LYS B 438 -36.80 4.43 45.96
N GLU B 439 -38.00 3.99 45.65
CA GLU B 439 -38.63 2.98 46.49
C GLU B 439 -37.90 1.64 46.45
N LYS B 440 -37.30 1.29 45.30
CA LYS B 440 -36.67 -0.03 45.16
C LYS B 440 -35.22 -0.06 45.70
N THR B 441 -34.56 1.10 45.74
CA THR B 441 -33.16 1.12 46.19
C THR B 441 -32.69 2.48 46.72
N ASN B 442 -31.82 2.45 47.72
CA ASN B 442 -31.23 3.70 48.24
C ASN B 442 -30.04 4.22 47.44
N HIS B 443 -29.35 3.34 46.69
CA HIS B 443 -28.11 3.74 45.99
C HIS B 443 -28.42 4.49 44.69
N ILE B 444 -28.90 5.72 44.83
CA ILE B 444 -29.11 6.63 43.72
C ILE B 444 -28.24 7.81 43.96
N GLN B 445 -27.82 8.47 42.89
CA GLN B 445 -26.81 9.56 42.93
C GLN B 445 -27.25 10.31 41.63
N ALA B 446 -26.95 11.60 41.48
CA ALA B 446 -27.36 12.34 40.27
C ALA B 446 -26.24 13.18 39.71
N LEU B 447 -26.37 13.53 38.42
CA LEU B 447 -25.34 14.32 37.74
C LEU B 447 -26.05 15.35 36.99
N ALA B 448 -26.05 16.57 37.50
CA ALA B 448 -26.99 17.57 36.94
C ALA B 448 -26.28 18.82 36.52
N HIS B 449 -26.43 19.18 35.26
CA HIS B 449 -25.81 20.37 34.73
C HIS B 449 -26.77 21.59 34.81
N SER B 450 -26.21 22.78 35.09
CA SER B 450 -26.98 24.05 35.11
C SER B 450 -26.16 25.21 34.64
N THR B 451 -26.79 26.20 34.00
CA THR B 451 -26.16 27.53 33.88
C THR B 451 -26.23 28.18 35.28
N VAL B 452 -25.25 28.99 35.66
CA VAL B 452 -25.20 29.58 37.04
C VAL B 452 -26.45 30.47 37.27
N GLY B 453 -27.07 30.32 38.44
CA GLY B 453 -28.36 30.98 38.74
C GLY B 453 -29.56 30.31 38.11
N GLN B 454 -29.46 28.99 37.92
CA GLN B 454 -30.64 28.16 37.74
C GLN B 454 -30.71 27.49 39.10
N THR B 455 -31.80 26.81 39.43
CA THR B 455 -32.10 26.57 40.86
C THR B 455 -32.15 25.14 41.43
N LEU B 456 -33.08 24.31 40.94
CA LEU B 456 -33.17 22.87 41.35
C LEU B 456 -34.25 22.59 42.40
N PRO B 457 -35.47 22.31 41.93
CA PRO B 457 -36.61 22.01 42.78
C PRO B 457 -36.29 21.35 44.12
N ILE B 458 -37.02 21.79 45.14
CA ILE B 458 -37.09 21.09 46.45
C ILE B 458 -37.39 19.58 46.38
N PRO B 459 -38.51 19.15 45.72
CA PRO B 459 -38.79 17.73 45.64
C PRO B 459 -37.93 17.08 44.53
N LEU B 460 -36.62 17.14 44.74
CA LEU B 460 -35.62 16.64 43.79
C LEU B 460 -34.34 16.72 44.55
N LYS B 461 -33.97 17.93 44.95
CA LYS B 461 -32.83 18.08 45.84
C LYS B 461 -33.20 17.36 47.13
N LYS B 462 -34.51 17.21 47.39
CA LYS B 462 -34.96 16.37 48.51
C LYS B 462 -34.41 14.96 48.32
N LEU B 463 -34.67 14.37 47.16
CA LEU B 463 -34.22 13.00 46.85
C LEU B 463 -32.68 12.82 46.79
N PHE B 464 -31.95 13.84 46.35
CA PHE B 464 -30.49 13.73 46.26
C PHE B 464 -29.83 14.68 47.25
N PRO B 465 -29.39 14.17 48.42
CA PRO B 465 -28.66 15.10 49.32
C PRO B 465 -27.41 15.72 48.66
N SER B 466 -26.45 14.87 48.24
CA SER B 466 -25.15 15.31 47.70
C SER B 466 -25.05 15.05 46.21
N ILE B 467 -26.02 15.63 45.49
CA ILE B 467 -26.07 15.64 44.04
C ILE B 467 -24.80 16.18 43.40
N ILE B 468 -24.30 15.48 42.38
CA ILE B 468 -23.13 15.97 41.67
C ILE B 468 -23.61 17.04 40.76
N SER B 469 -23.51 18.28 41.21
CA SER B 469 -24.06 19.31 40.38
C SER B 469 -22.87 19.92 39.71
N ILE B 470 -22.99 20.16 38.43
CA ILE B 470 -21.96 20.79 37.64
C ILE B 470 -22.63 22.08 37.23
N THR B 471 -22.22 23.17 37.84
CA THR B 471 -22.79 24.46 37.48
C THR B 471 -21.82 25.20 36.53
N TRP B 472 -22.31 25.64 35.39
CA TRP B 472 -21.51 26.27 34.35
C TRP B 472 -21.73 27.77 34.34
N PRO B 473 -20.66 28.54 34.46
CA PRO B 473 -20.74 29.99 34.24
C PRO B 473 -21.48 30.36 32.95
N LEU B 474 -22.13 31.55 32.90
CA LEU B 474 -22.70 32.09 31.66
C LEU B 474 -21.60 32.38 30.64
N LEU B 475 -21.99 32.54 29.38
CA LEU B 475 -21.08 32.55 28.23
C LEU B 475 -21.85 32.95 27.01
N PHE B 476 -21.36 33.96 26.31
CA PHE B 476 -21.99 34.34 25.04
C PHE B 476 -22.08 33.09 24.17
N PHE B 477 -23.19 32.95 23.44
CA PHE B 477 -23.23 31.96 22.37
C PHE B 477 -23.85 32.53 21.07
N GLU B 478 -23.28 32.14 19.92
CA GLU B 478 -23.71 32.67 18.62
C GLU B 478 -25.08 32.13 18.23
N TYR B 479 -25.28 30.82 18.33
CA TYR B 479 -26.48 30.17 17.82
C TYR B 479 -27.48 29.77 18.89
N GLU B 480 -28.75 29.89 18.52
CA GLU B 480 -29.91 29.47 19.31
C GLU B 480 -29.73 28.14 20.06
N GLY B 481 -29.28 27.08 19.38
CA GLY B 481 -29.12 25.79 20.09
C GLY B 481 -28.08 25.76 21.21
N ASN B 482 -27.30 26.83 21.32
CA ASN B 482 -26.25 26.89 22.32
C ASN B 482 -25.36 25.60 22.29
N PHE B 483 -24.80 25.39 21.10
CA PHE B 483 -23.97 24.22 20.83
C PHE B 483 -22.75 24.21 21.76
N ILE B 484 -22.16 25.38 22.00
CA ILE B 484 -21.00 25.44 22.87
C ILE B 484 -21.34 24.86 24.25
N GLN B 485 -22.54 25.09 24.73
CA GLN B 485 -22.98 24.52 26.03
C GLN B 485 -23.22 22.98 25.94
N LYS B 486 -23.76 22.55 24.80
CA LYS B 486 -24.03 21.13 24.55
C LYS B 486 -22.70 20.41 24.58
N PHE B 487 -21.73 20.95 23.85
CA PHE B 487 -20.38 20.34 23.82
C PHE B 487 -19.75 20.25 25.18
N GLN B 488 -19.75 21.34 25.96
CA GLN B 488 -19.23 21.23 27.35
C GLN B 488 -19.88 20.18 28.17
N ARG B 489 -21.18 20.06 27.98
CA ARG B 489 -22.00 19.12 28.82
C ARG B 489 -21.75 17.67 28.41
N GLU B 490 -21.77 17.44 27.09
CA GLU B 490 -21.46 16.09 26.56
C GLU B 490 -20.07 15.67 27.09
N LEU B 491 -19.10 16.60 27.02
CA LEU B 491 -17.72 16.24 27.44
C LEU B 491 -17.63 15.98 28.90
N SER B 492 -18.18 16.92 29.68
CA SER B 492 -18.16 16.73 31.13
C SER B 492 -18.78 15.39 31.49
N THR B 493 -19.87 15.07 30.81
CA THR B 493 -20.58 13.82 31.15
C THR B 493 -19.72 12.59 30.79
N LYS B 494 -19.16 12.63 29.59
CA LYS B 494 -18.23 11.57 29.18
C LYS B 494 -17.15 11.36 30.19
N TRP B 495 -16.56 12.47 30.64
CA TRP B 495 -15.46 12.32 31.60
C TRP B 495 -15.93 11.66 32.85
N VAL B 496 -17.08 12.07 33.37
CA VAL B 496 -17.52 11.47 34.66
C VAL B 496 -17.75 9.94 34.59
N LEU B 497 -18.64 9.55 33.71
CA LEU B 497 -18.99 8.17 33.35
C LEU B 497 -17.80 7.25 32.96
N ASN B 498 -16.93 7.71 32.05
CA ASN B 498 -15.66 6.97 31.79
C ASN B 498 -14.91 6.65 33.10
N THR B 499 -14.77 7.68 33.94
CA THR B 499 -13.94 7.55 35.11
C THR B 499 -14.56 6.60 36.05
N VAL B 500 -15.87 6.75 36.17
CA VAL B 500 -16.62 5.93 37.10
C VAL B 500 -16.68 4.48 36.63
N SER B 501 -17.05 4.26 35.36
CA SER B 501 -17.06 2.85 34.88
C SER B 501 -15.66 2.26 34.98
N THR B 502 -14.69 2.98 34.47
CA THR B 502 -13.35 2.51 34.47
C THR B 502 -12.88 2.29 35.92
N GLY B 503 -13.02 3.28 36.81
CA GLY B 503 -12.56 3.06 38.23
C GLY B 503 -13.35 1.96 38.97
N ALA B 504 -14.62 1.84 38.67
CA ALA B 504 -15.39 0.87 39.42
C ALA B 504 -14.84 -0.55 39.10
N HIS B 505 -14.42 -0.77 37.86
CA HIS B 505 -13.87 -2.07 37.49
C HIS B 505 -12.47 -2.27 38.03
N VAL B 506 -11.69 -1.21 38.13
CA VAL B 506 -10.37 -1.32 38.70
C VAL B 506 -10.52 -1.70 40.17
N LEU B 507 -11.49 -1.09 40.87
CA LEU B 507 -11.62 -1.39 42.32
C LEU B 507 -11.97 -2.86 42.58
N LEU B 508 -12.65 -3.49 41.63
CA LEU B 508 -12.94 -4.94 41.70
C LEU B 508 -11.75 -5.83 41.35
N GLY B 509 -10.56 -5.25 41.18
CA GLY B 509 -9.35 -6.04 40.90
C GLY B 509 -9.27 -6.62 39.49
N LYS B 510 -10.01 -6.06 38.51
CA LYS B 510 -10.02 -6.53 37.11
C LYS B 510 -8.81 -6.11 36.26
N ILE B 511 -7.96 -5.24 36.79
CA ILE B 511 -6.92 -4.60 35.99
C ILE B 511 -5.62 -4.95 36.63
N LEU B 512 -4.63 -5.18 35.77
CA LEU B 512 -3.35 -5.68 36.20
C LEU B 512 -2.34 -4.57 35.94
N GLN B 513 -1.98 -3.87 37.02
CA GLN B 513 -1.29 -2.61 36.98
C GLN B 513 -2.19 -1.51 36.34
N ASN B 514 -1.94 -1.22 35.07
CA ASN B 514 -2.82 -0.42 34.26
C ASN B 514 -3.08 -1.11 32.94
N HIS B 515 -3.13 -2.44 32.97
CA HIS B 515 -3.49 -3.21 31.76
C HIS B 515 -4.70 -4.05 32.05
N MET B 516 -5.55 -4.14 31.04
CA MET B 516 -6.58 -5.14 31.02
C MET B 516 -6.03 -6.40 30.33
N LEU B 517 -5.54 -7.32 31.12
CA LEU B 517 -4.88 -8.48 30.55
C LEU B 517 -5.88 -9.41 29.84
N ASP B 518 -6.98 -9.66 30.52
CA ASP B 518 -7.96 -10.64 30.13
C ASP B 518 -8.96 -10.04 29.23
N LEU B 519 -8.52 -9.53 28.11
CA LEU B 519 -9.48 -9.04 27.13
C LEU B 519 -9.87 -10.10 26.09
N ARG B 520 -10.96 -9.79 25.39
CA ARG B 520 -11.51 -10.66 24.38
C ARG B 520 -10.89 -10.27 23.04
N ILE B 521 -10.18 -11.23 22.43
CA ILE B 521 -9.55 -10.97 21.14
C ILE B 521 -10.58 -10.97 20.05
N SER B 522 -11.00 -9.75 19.64
CA SER B 522 -12.09 -9.58 18.71
C SER B 522 -11.72 -8.79 17.47
N ASN B 523 -10.46 -8.37 17.38
CA ASN B 523 -9.95 -7.81 16.13
C ASN B 523 -8.43 -7.90 16.12
N SER B 524 -7.83 -7.54 15.00
CA SER B 524 -6.41 -7.77 14.86
C SER B 524 -5.66 -6.91 15.89
N LYS B 525 -6.14 -5.70 16.14
CA LYS B 525 -5.42 -4.82 17.04
C LYS B 525 -5.42 -5.41 18.41
N LEU B 526 -6.52 -6.02 18.81
CA LEU B 526 -6.59 -6.63 20.16
C LEU B 526 -5.76 -7.91 20.23
N PHE B 527 -5.60 -8.57 19.09
CA PHE B 527 -4.62 -9.64 18.96
C PHE B 527 -3.16 -9.14 19.22
N TRP B 528 -2.75 -8.07 18.55
CA TRP B 528 -1.38 -7.57 18.81
C TRP B 528 -1.24 -7.10 20.25
N ARG B 529 -2.34 -6.65 20.86
CA ARG B 529 -2.22 -6.18 22.23
C ARG B 529 -2.11 -7.41 23.15
N ALA B 530 -2.87 -8.46 22.89
CA ALA B 530 -2.66 -9.71 23.63
C ALA B 530 -1.19 -10.14 23.55
N LEU B 531 -0.65 -10.26 22.34
CA LEU B 531 0.75 -10.66 22.18
C LEU B 531 1.72 -9.73 22.92
N ALA B 532 1.59 -8.43 22.72
CA ALA B 532 2.45 -7.51 23.45
C ALA B 532 2.38 -7.68 25.02
N MET B 533 1.23 -8.14 25.52
CA MET B 533 1.06 -8.28 26.97
C MET B 533 1.72 -9.55 27.45
N LEU B 534 1.66 -10.58 26.63
CA LEU B 534 2.36 -11.82 26.91
C LEU B 534 3.85 -11.57 27.02
N GLN B 535 4.41 -10.93 26.04
CA GLN B 535 5.79 -10.53 26.12
C GLN B 535 6.16 -9.72 27.36
N ARG B 536 5.37 -8.72 27.71
CA ARG B 536 5.72 -7.86 28.82
C ARG B 536 5.64 -8.59 30.18
N PHE B 537 4.61 -9.38 30.43
CA PHE B 537 4.44 -10.01 31.74
C PHE B 537 5.19 -11.32 31.88
N SER B 538 5.52 -11.99 30.76
CA SER B 538 6.29 -13.26 30.81
C SER B 538 7.75 -12.98 30.60
N GLY B 539 8.02 -11.97 29.78
CA GLY B 539 9.37 -11.54 29.57
C GLY B 539 10.06 -12.51 28.65
N GLN B 540 9.27 -13.40 28.04
CA GLN B 540 9.79 -14.42 27.16
C GLN B 540 9.78 -14.04 25.72
N SER B 541 10.50 -14.83 24.94
CA SER B 541 10.70 -14.58 23.55
C SER B 541 9.39 -14.42 22.80
N LYS B 542 9.50 -13.68 21.71
CA LYS B 542 8.43 -13.45 20.80
C LYS B 542 7.87 -14.75 20.33
N ALA B 543 8.75 -15.70 20.07
CA ALA B 543 8.33 -16.94 19.45
C ALA B 543 7.53 -17.81 20.38
N ARG B 544 7.93 -17.89 21.66
CA ARG B 544 7.17 -18.67 22.65
C ARG B 544 5.87 -17.93 23.05
N CYS B 545 5.92 -16.59 23.04
CA CYS B 545 4.73 -15.78 23.23
C CYS B 545 3.71 -16.06 22.15
N ILE B 546 4.15 -16.09 20.89
CA ILE B 546 3.21 -16.37 19.82
C ILE B 546 2.64 -17.78 19.93
N GLU B 547 3.52 -18.78 20.17
CA GLU B 547 3.05 -20.19 20.17
C GLU B 547 2.07 -20.45 21.32
N SER B 548 2.40 -19.91 22.49
CA SER B 548 1.49 -20.01 23.59
C SER B 548 0.13 -19.36 23.25
N LEU B 549 0.12 -18.24 22.56
CA LEU B 549 -1.14 -17.57 22.22
C LEU B 549 -1.92 -18.38 21.26
N LEU B 550 -1.26 -18.81 20.20
CA LEU B 550 -1.97 -19.55 19.17
C LEU B 550 -2.48 -20.85 19.68
N ARG B 551 -1.73 -21.49 20.56
CA ARG B 551 -2.19 -22.75 21.18
C ARG B 551 -3.39 -22.51 22.09
N ALA B 552 -3.34 -21.44 22.93
CA ALA B 552 -4.48 -21.12 23.81
C ALA B 552 -5.70 -20.86 22.98
N ILE B 553 -5.53 -20.18 21.86
CA ILE B 553 -6.66 -19.89 21.00
C ILE B 553 -7.24 -21.13 20.35
N HIS B 554 -6.38 -21.87 19.67
CA HIS B 554 -6.89 -22.98 18.88
C HIS B 554 -7.06 -24.32 19.57
N PHE B 555 -6.64 -24.42 20.83
CA PHE B 555 -6.88 -25.62 21.64
C PHE B 555 -8.33 -25.96 21.50
N PRO B 556 -8.66 -27.25 21.31
CA PRO B 556 -7.82 -28.44 21.33
C PRO B 556 -7.10 -28.82 20.03
N GLN B 557 -7.15 -28.02 18.96
CA GLN B 557 -6.34 -28.31 17.78
C GLN B 557 -4.90 -28.04 18.12
N PRO B 558 -3.97 -28.92 17.68
CA PRO B 558 -2.55 -28.59 17.71
C PRO B 558 -2.17 -27.52 16.72
N LEU B 559 -1.04 -26.91 16.99
CA LEU B 559 -0.52 -25.86 16.17
C LEU B 559 0.08 -26.43 14.85
N SER B 560 -0.70 -26.57 13.79
CA SER B 560 -0.16 -26.97 12.48
C SER B 560 0.57 -25.85 11.73
N ASP B 561 1.16 -26.18 10.60
CA ASP B 561 1.75 -25.19 9.73
C ASP B 561 0.70 -24.21 9.22
N ASP B 562 -0.47 -24.71 8.91
CA ASP B 562 -1.50 -23.85 8.38
C ASP B 562 -1.95 -22.82 9.41
N ILE B 563 -2.00 -23.21 10.68
CA ILE B 563 -2.45 -22.32 11.72
C ILE B 563 -1.34 -21.27 11.86
N ARG B 564 -0.09 -21.67 11.84
CA ARG B 564 0.96 -20.69 11.99
C ARG B 564 0.93 -19.67 10.91
N ALA B 565 0.53 -20.05 9.71
CA ALA B 565 0.65 -19.15 8.59
C ALA B 565 -0.69 -18.47 8.28
N ALA B 566 -1.73 -18.76 9.06
CA ALA B 566 -3.04 -18.24 8.74
C ALA B 566 -3.10 -16.71 8.96
N PRO B 567 -4.01 -16.04 8.26
CA PRO B 567 -4.16 -14.61 8.51
C PRO B 567 -4.75 -14.36 9.90
N ILE B 568 -4.33 -13.27 10.53
CA ILE B 568 -4.83 -12.91 11.85
C ILE B 568 -6.34 -13.04 12.02
N SER B 569 -7.12 -12.70 11.01
CA SER B 569 -8.59 -12.90 11.19
C SER B 569 -8.99 -14.32 11.55
N CYS B 570 -8.15 -15.28 11.10
CA CYS B 570 -8.39 -16.67 11.42
C CYS B 570 -8.29 -16.84 12.95
N HIS B 571 -7.25 -16.29 13.56
CA HIS B 571 -7.07 -16.42 15.00
C HIS B 571 -8.13 -15.63 15.73
N VAL B 572 -8.43 -14.46 15.18
CA VAL B 572 -9.46 -13.61 15.79
C VAL B 572 -10.81 -14.33 15.87
N GLN B 573 -11.25 -14.88 14.76
CA GLN B 573 -12.57 -15.48 14.74
C GLN B 573 -12.71 -16.60 15.78
N VAL B 574 -11.63 -17.35 15.99
CA VAL B 574 -11.74 -18.42 16.94
C VAL B 574 -11.64 -17.87 18.35
N ALA B 575 -10.69 -16.97 18.59
CA ALA B 575 -10.52 -16.42 19.92
C ALA B 575 -11.70 -15.62 20.44
N HIS B 576 -12.42 -14.97 19.54
CA HIS B 576 -13.57 -14.20 19.91
C HIS B 576 -14.59 -15.03 20.68
N GLU B 577 -14.60 -16.33 20.41
CA GLU B 577 -15.58 -17.20 21.00
C GLU B 577 -15.21 -17.72 22.35
N LYS B 578 -14.00 -17.54 22.82
CA LYS B 578 -13.57 -18.29 24.03
C LYS B 578 -13.39 -17.37 25.18
N GLU B 579 -13.16 -17.94 26.34
CA GLU B 579 -13.00 -17.19 27.55
C GLU B 579 -11.57 -17.34 28.07
N GLN B 580 -10.97 -16.26 28.58
CA GLN B 580 -9.71 -16.36 29.32
C GLN B 580 -8.51 -16.79 28.45
N VAL B 581 -8.64 -16.63 27.16
CA VAL B 581 -7.55 -17.00 26.27
C VAL B 581 -6.19 -16.51 26.75
N ILE B 582 -6.14 -15.24 27.16
CA ILE B 582 -4.87 -14.65 27.46
C ILE B 582 -4.28 -15.07 28.80
N PRO B 583 -5.12 -15.16 29.83
CA PRO B 583 -4.60 -15.70 31.08
C PRO B 583 -4.08 -17.13 30.93
N ILE B 584 -4.76 -17.95 30.16
CA ILE B 584 -4.29 -19.31 29.92
C ILE B 584 -2.97 -19.31 29.17
N ALA B 585 -2.90 -18.52 28.10
CA ALA B 585 -1.65 -18.35 27.37
C ALA B 585 -0.49 -17.89 28.28
N LEU B 586 -0.73 -16.98 29.23
CA LEU B 586 0.33 -16.50 30.14
C LEU B 586 0.75 -17.54 31.18
N LEU B 587 -0.22 -18.28 31.74
CA LEU B 587 0.09 -19.31 32.70
C LEU B 587 0.96 -20.38 32.05
N SER B 588 0.60 -20.77 30.83
CA SER B 588 1.39 -21.70 30.03
C SER B 588 2.83 -21.27 29.97
N LEU B 589 3.05 -20.00 29.70
CA LEU B 589 4.36 -19.46 29.55
C LEU B 589 5.05 -19.47 30.89
N LEU B 590 4.37 -18.94 31.92
CA LEU B 590 5.00 -18.74 33.22
C LEU B 590 5.37 -20.07 33.89
N PHE B 591 4.47 -21.04 33.89
CA PHE B 591 4.74 -22.37 34.41
C PHE B 591 5.52 -23.29 33.41
N ARG B 592 5.77 -22.83 32.19
CA ARG B 592 6.38 -23.72 31.19
C ARG B 592 5.57 -24.97 30.98
N CYS B 593 4.27 -24.81 30.90
CA CYS B 593 3.42 -25.98 30.88
C CYS B 593 2.57 -26.01 29.66
N SER B 594 1.75 -27.03 29.52
CA SER B 594 0.91 -27.13 28.36
C SER B 594 -0.42 -26.43 28.60
N ILE B 595 -1.14 -26.18 27.51
CA ILE B 595 -2.47 -25.62 27.61
C ILE B 595 -3.31 -26.49 28.53
N THR B 596 -3.25 -27.80 28.34
CA THR B 596 -3.97 -28.75 29.19
C THR B 596 -3.66 -28.49 30.66
N GLU B 597 -2.39 -28.26 30.98
CA GLU B 597 -2.03 -28.07 32.37
C GLU B 597 -2.41 -26.66 32.89
N ALA B 598 -2.42 -25.65 32.02
CA ALA B 598 -2.66 -24.27 32.47
C ALA B 598 -4.18 -24.10 32.75
N GLN B 599 -5.01 -24.69 31.92
CA GLN B 599 -6.47 -24.75 32.10
C GLN B 599 -6.86 -25.39 33.39
N ALA B 600 -6.27 -26.54 33.70
CA ALA B 600 -6.59 -27.23 34.95
C ALA B 600 -6.22 -26.40 36.14
N HIS B 601 -5.06 -25.75 36.03
CA HIS B 601 -4.56 -24.88 37.07
C HIS B 601 -5.51 -23.68 37.25
N LEU B 602 -5.79 -22.94 36.17
CA LEU B 602 -6.78 -21.86 36.19
C LEU B 602 -8.04 -22.34 36.87
N ALA B 603 -8.63 -23.40 36.35
CA ALA B 603 -9.95 -23.83 36.80
C ALA B 603 -9.97 -24.32 38.25
N ALA B 604 -8.80 -24.58 38.83
CA ALA B 604 -8.74 -24.96 40.25
C ALA B 604 -8.37 -23.79 41.18
N ALA B 605 -8.03 -22.63 40.63
CA ALA B 605 -7.68 -21.49 41.48
C ALA B 605 -8.96 -20.73 41.94
N PRO B 606 -8.82 -19.86 42.93
CA PRO B 606 -10.00 -19.14 43.38
C PRO B 606 -10.66 -18.32 42.26
N SER B 607 -9.88 -17.47 41.60
CA SER B 607 -10.42 -16.64 40.50
C SER B 607 -9.34 -16.50 39.44
N VAL B 608 -9.74 -16.07 38.27
CA VAL B 608 -8.78 -15.80 37.24
C VAL B 608 -7.69 -14.84 37.72
N CYS B 609 -8.06 -13.74 38.36
CA CYS B 609 -7.11 -12.69 38.78
C CYS B 609 -6.15 -13.17 39.85
N GLU B 610 -6.62 -14.03 40.74
CA GLU B 610 -5.71 -14.49 41.74
C GLU B 610 -4.74 -15.49 41.09
N ALA B 611 -5.25 -16.32 40.19
CA ALA B 611 -4.37 -17.27 39.53
C ALA B 611 -3.27 -16.50 38.78
N VAL B 612 -3.61 -15.44 38.03
CA VAL B 612 -2.59 -14.68 37.28
C VAL B 612 -1.62 -14.02 38.22
N ARG B 613 -2.16 -13.39 39.26
CA ARG B 613 -1.31 -12.65 40.23
C ARG B 613 -0.32 -13.56 41.03
N SER B 614 -0.80 -14.68 41.61
CA SER B 614 0.14 -15.67 42.24
C SER B 614 1.22 -16.16 41.30
N ALA B 615 0.82 -16.43 40.07
CA ALA B 615 1.75 -16.91 39.05
C ALA B 615 2.82 -15.86 38.76
N LEU B 616 2.46 -14.59 38.81
CA LEU B 616 3.45 -13.55 38.60
C LEU B 616 4.39 -13.33 39.77
N ALA B 617 4.12 -13.87 40.97
CA ALA B 617 4.85 -13.41 42.20
C ALA B 617 5.86 -14.40 42.73
C18 MG0 C . 14.19 -2.06 -9.60
C17 MG0 C . 13.66 -3.32 -9.69
C16 MG0 C . 13.46 -4.04 -8.52
N4 MG0 C . 12.96 -5.26 -8.60
N3 MG0 C . 13.79 -3.52 -7.31
C15 MG0 C . 14.33 -2.30 -7.21
C14 MG0 C . 14.52 -1.53 -8.36
S1 MG0 C . 15.28 0.03 -8.27
O2 MG0 C . 14.75 0.89 -9.38
O3 MG0 C . 15.11 0.60 -6.93
N2 MG0 C . 16.86 -0.13 -8.44
C11 MG0 C . 17.20 -0.56 -9.76
C10 MG0 C . 18.71 -0.55 -9.89
C12 MG0 C . 17.29 -1.17 -7.49
C13 MG0 C . 18.83 -1.43 -7.53
N1 MG0 C . 19.41 -1.30 -8.85
C5 MG0 C . 20.75 -1.63 -9.08
C4 MG0 C . 21.30 -1.59 -10.37
C3 MG0 C . 22.62 -1.93 -10.65
C6 MG0 C . 21.57 -2.00 -8.08
C1 MG0 C . 22.92 -2.33 -8.32
C2 MG0 C . 23.47 -2.29 -9.61
C7 MG0 C . 24.94 -2.61 -9.82
C8 MG0 C . 25.63 -1.55 -10.64
F6 MG0 C . 26.97 -1.80 -10.66
F4 MG0 C . 25.34 -0.37 -10.09
F5 MG0 C . 25.16 -1.58 -11.88
C9 MG0 C . 25.13 -3.97 -10.41
F3 MG0 C . 24.58 -4.85 -9.58
F1 MG0 C . 24.59 -3.98 -11.67
F2 MG0 C . 26.42 -4.28 -10.46
O1 MG0 C . 25.57 -2.52 -8.58
C1 S6P D . 14.71 -2.16 -20.82
C2 S6P D . 13.74 -1.39 -21.68
C3 S6P D . 12.72 -0.80 -20.78
C4 S6P D . 11.79 -1.82 -20.11
C5 S6P D . 10.70 -1.08 -19.35
C6 S6P D . 9.87 -1.98 -18.39
O1 S6P D . 15.75 -2.62 -21.68
O2 S6P D . 14.49 -0.30 -22.27
O3 S6P D . 11.97 0.13 -21.54
O4 S6P D . 11.20 -2.72 -21.03
O5 S6P D . 11.36 -0.14 -18.50
O6 S6P D . 10.73 -2.86 -17.64
P S6P D . 9.94 -3.78 -16.65
O1P S6P D . 10.87 -4.38 -15.69
O2P S6P D . 8.70 -3.15 -15.96
O3P S6P D . 9.36 -4.83 -17.67
I IOD E . -0.34 -23.87 -34.17
I IOD F . 31.15 6.08 -20.41
I IOD G . 19.91 -16.50 -11.39
I IOD H . 35.38 -6.84 -34.06
I IOD I . 5.32 -27.60 -30.52
I IOD J . 8.81 10.06 -22.12
I IOD K . 12.22 13.49 2.69
I IOD L . 33.70 7.93 0.82
I IOD M . -8.14 0.42 -6.48
I IOD N . 17.44 -19.01 -47.68
I IOD O . 25.70 -8.05 -8.81
C1 GOL P . 22.12 9.39 2.74
O1 GOL P . 22.76 8.35 3.60
C2 GOL P . 20.72 9.75 3.21
O2 GOL P . 20.07 10.45 2.15
C3 GOL P . 19.86 8.58 3.78
O3 GOL P . 18.53 8.46 3.28
C18 MG0 Q . -1.77 -0.31 16.79
C17 MG0 Q . -1.67 1.06 16.61
C16 MG0 Q . -0.50 1.56 16.06
N4 MG0 Q . -0.36 2.83 15.87
N3 MG0 Q . 0.52 0.75 15.71
C15 MG0 Q . 0.41 -0.56 15.91
C14 MG0 Q . -0.73 -1.14 16.44
S1 MG0 Q . -0.77 -2.89 16.74
O2 MG0 Q . -2.20 -3.38 16.70
O3 MG0 Q . 0.17 -3.50 15.86
N2 MG0 Q . -0.19 -3.24 18.23
C11 MG0 Q . -1.04 -2.75 19.23
C10 MG0 Q . -0.55 -3.26 20.58
C12 MG0 Q . 1.10 -2.65 18.40
C13 MG0 Q . 1.73 -2.80 19.78
N1 MG0 Q . 0.82 -2.72 20.89
C5 MG0 Q . 1.29 -2.66 22.21
C4 MG0 Q . 0.42 -2.67 23.31
C3 MG0 Q . 0.92 -2.71 24.63
C6 MG0 Q . 2.64 -2.78 22.49
C1 MG0 Q . 3.14 -2.86 23.80
C2 MG0 Q . 2.30 -2.82 24.89
C7 MG0 Q . 2.85 -2.88 26.31
C8 MG0 Q . 2.14 -3.94 27.14
F6 MG0 Q . 2.77 -4.09 28.33
F4 MG0 Q . 2.12 -5.10 26.40
F5 MG0 Q . 0.92 -3.43 27.45
C9 MG0 Q . 2.80 -1.52 27.02
F3 MG0 Q . 3.53 -0.68 26.33
F1 MG0 Q . 1.55 -1.12 27.16
F2 MG0 Q . 3.30 -1.59 28.22
O1 MG0 Q . 4.17 -3.30 26.27
C1 S6P R . -11.24 1.70 22.55
C2 S6P R . -12.61 1.14 22.08
C3 S6P R . -12.44 0.63 20.71
C4 S6P R . -11.88 1.68 19.80
C5 S6P R . -11.96 1.23 18.37
C6 S6P R . -11.41 2.37 17.48
O1 S6P R . -11.22 1.73 24.00
O2 S6P R . -12.95 0.12 23.00
O3 S6P R . -13.60 0.13 20.14
O4 S6P R . -12.58 2.92 19.93
O5 S6P R . -11.10 0.13 18.27
O6 S6P R . -10.00 2.60 17.70
P S6P R . -9.22 3.69 16.80
O1P S6P R . -7.85 3.85 17.36
O2P S6P R . -10.06 5.02 17.06
O3P S6P R . -9.25 3.47 15.33
I IOD S . -22.89 28.32 19.87
I IOD T . -6.14 -10.96 35.21
I IOD U . 3.33 12.00 25.09
I IOD V . -16.22 29.93 23.38
I IOD W . -12.19 2.35 47.74
I IOD X . -18.12 -8.16 16.01
I IOD Y . 12.60 -17.19 26.79
I IOD Z . 3.53 -16.76 6.54
I IOD AA . -28.21 21.21 40.79
I IOD BA . -29.57 30.18 15.12
I IOD CA . -9.23 3.14 -4.15
I IOD DA . 2.95 -2.08 13.47
I IOD EA . -31.44 13.15 21.72
I IOD FA . 4.77 25.34 19.65
S SO4 GA . -15.11 -1.75 46.85
O1 SO4 GA . -15.51 -2.17 45.46
O2 SO4 GA . -13.70 -2.08 47.23
O3 SO4 GA . -16.00 -2.45 47.85
O4 SO4 GA . -15.26 -0.26 46.91
S SO4 HA . -7.85 -1.26 46.86
O1 SO4 HA . -7.84 -1.68 45.41
O2 SO4 HA . -6.63 -1.82 47.52
O3 SO4 HA . -7.92 0.23 46.97
O4 SO4 HA . -9.05 -1.76 47.61
S SO4 IA . -0.19 17.00 -4.10
O1 SO4 IA . 0.64 15.91 -3.54
O2 SO4 IA . 0.68 17.79 -5.01
O3 SO4 IA . -0.71 17.94 -3.06
O4 SO4 IA . -1.39 16.41 -4.80
#